data_8WEE
#
_entry.id   8WEE
#
_cell.length_a   61.803
_cell.length_b   108.135
_cell.length_c   164.145
_cell.angle_alpha   90.00
_cell.angle_beta   90.00
_cell.angle_gamma   90.00
#
_symmetry.space_group_name_H-M   'P 21 21 21'
#
loop_
_entity.id
_entity.type
_entity.pdbx_description
1 polymer 'MDIS1-interacting receptor like kinase 2'
2 polymer 'SERINE-RICH ENDOGENOUS PEPTIDE (SCOOP)'
3 branched 2-acetamido-2-deoxy-beta-D-glucopyranose-(1-4)-2-acetamido-2-deoxy-beta-D-glucopyranose
4 branched 2-acetamido-2-deoxy-beta-D-glucopyranose-(1-4)-[alpha-L-fucopyranose-(1-6)]2-acetamido-2-deoxy-beta-D-glucopyranose
5 non-polymer 2-acetamido-2-deoxy-beta-D-glucopyranose
6 water water
#
loop_
_entity_poly.entity_id
_entity_poly.type
_entity_poly.pdbx_seq_one_letter_code
_entity_poly.pdbx_strand_id
1 'polypeptide(L)'
;MNKTNPERKISLTSFKERMACKEKPRDLQVLLIISIVLSCSFAVSATVEEANALLKWKSTFTNQTSSSKLSSWVNPNTSS
FCTSWYGVACSLGSIIRLNLTNTGIEGTFEDFPFSSLPNLTFVDLSMNRFSGTISPEWGRFSKLEYFDLSINQLVGEIPP
ELGKLSNLDTLHLVENKLNGSIPSEIGRLTKVTEIAIYDNLLTGPIPSSFGNLTKLVNLYLFINSLSGSIPSEIGNLPNL
RELCLDRNNLTGKIPSSFGNLKNVTLLNMFENQLSGEIPPEIGNMTALDTLSLHTNKLTGPIPSTLGNIKTLAVLHLYLN
QLNGSIPPELGEMESMIDLEISENKLTGPVPDSFGKLTALEWLFLRDNQLSGPIPPGIANSTELTVLQLDTNNFTGFLPD
TICRGGKLENLTLDDNHFEGPVPKSLRDCKSLIRVRFKGNSFSGDISEAFGVYPTLNFIDLSNNNFHGQLSANWEQSQKL
VAFILSNNSITGAIPPEIWNMTQLSQLDLSSNRITGELPESISNINRISKLQLNGNRLSGKIPSGIRLLTNLEYLDLSSN
RFSFEIPPTLNNLPRLYYMNLSRNDLDQTIPEGLTKLSQLQMLDLSYNQLDGEISSQFRSLQNLERLDLSHNNLSGQIPP
SFKDMLALTHVDVSHNNLQGPIPDNAAFRNAPPDAFEGNKDLCGSVNTTQGLKPCSITSSEFHHHHHHHHHH
;
A
2 'polypeptide(L)' PVRSSQSSQAGGR B
#
loop_
_chem_comp.id
_chem_comp.type
_chem_comp.name
_chem_comp.formula
FUC L-saccharide, alpha linking alpha-L-fucopyranose 'C6 H12 O5'
NAG D-saccharide, beta linking 2-acetamido-2-deoxy-beta-D-glucopyranose 'C8 H15 N O6'
#
# COMPACT_ATOMS: atom_id res chain seq x y z
N THR A 47 -24.84 29.89 -40.12
CA THR A 47 -25.78 30.93 -40.58
C THR A 47 -25.64 32.15 -39.66
N VAL A 48 -26.10 33.32 -40.13
CA VAL A 48 -26.02 34.53 -39.30
C VAL A 48 -26.78 34.32 -38.00
N GLU A 49 -27.92 33.64 -38.07
CA GLU A 49 -28.74 33.44 -36.88
C GLU A 49 -28.03 32.54 -35.88
N GLU A 50 -27.38 31.48 -36.36
CA GLU A 50 -26.64 30.60 -35.46
C GLU A 50 -25.48 31.36 -34.79
N ALA A 51 -24.71 32.08 -35.61
CA ALA A 51 -23.56 32.85 -35.12
C ALA A 51 -23.97 33.90 -34.10
N ASN A 52 -25.01 34.69 -34.40
CA ASN A 52 -25.42 35.72 -33.43
C ASN A 52 -25.87 35.09 -32.12
N ALA A 53 -26.53 33.93 -32.19
CA ALA A 53 -26.95 33.28 -30.95
C ALA A 53 -25.76 32.81 -30.13
N LEU A 54 -24.74 32.25 -30.80
CA LEU A 54 -23.53 31.85 -30.09
C LEU A 54 -22.79 33.05 -29.53
N LEU A 55 -22.82 34.19 -30.22
CA LEU A 55 -22.22 35.40 -29.65
C LEU A 55 -22.92 35.81 -28.38
N LYS A 56 -24.25 35.73 -28.36
CA LYS A 56 -25.00 36.09 -27.16
C LYS A 56 -24.63 35.19 -25.99
N TRP A 57 -24.49 33.89 -26.25
CA TRP A 57 -24.00 32.97 -25.23
C TRP A 57 -22.59 33.36 -24.79
N LYS A 58 -21.72 33.64 -25.74
CA LYS A 58 -20.35 34.02 -25.39
C LYS A 58 -20.32 35.28 -24.54
N SER A 59 -21.23 36.23 -24.79
CA SER A 59 -21.21 37.47 -24.01
C SER A 59 -21.45 37.22 -22.53
N THR A 60 -21.95 36.03 -22.15
CA THR A 60 -22.23 35.74 -20.75
C THR A 60 -21.06 35.10 -20.02
N PHE A 61 -19.99 34.70 -20.73
CA PHE A 61 -18.85 34.08 -20.08
C PHE A 61 -18.13 35.07 -19.15
N THR A 62 -17.60 34.57 -18.05
CA THR A 62 -16.87 35.39 -17.09
C THR A 62 -15.38 35.07 -17.08
N ASN A 63 -14.61 36.00 -16.52
CA ASN A 63 -13.15 35.86 -16.38
C ASN A 63 -12.46 35.50 -17.70
N GLN A 64 -12.95 36.05 -18.81
CA GLN A 64 -12.37 35.78 -20.11
C GLN A 64 -11.21 36.74 -20.33
N THR A 65 -10.13 36.25 -20.96
CA THR A 65 -8.85 36.96 -20.90
C THR A 65 -8.33 37.52 -22.20
N SER A 66 -9.05 37.37 -23.32
CA SER A 66 -8.75 38.05 -24.59
C SER A 66 -7.49 37.51 -25.25
N SER A 67 -6.79 36.60 -24.59
CA SER A 67 -5.96 35.59 -25.21
C SER A 67 -6.83 34.44 -25.66
N SER A 68 -8.11 34.52 -25.32
CA SER A 68 -9.06 33.48 -25.67
C SER A 68 -9.01 33.18 -27.16
N LYS A 69 -9.13 31.89 -27.47
CA LYS A 69 -9.36 31.48 -28.86
C LYS A 69 -10.64 32.06 -29.40
N LEU A 70 -11.57 32.39 -28.51
CA LEU A 70 -12.82 32.96 -29.00
C LEU A 70 -12.68 34.40 -29.46
N SER A 71 -11.48 35.01 -29.40
CA SER A 71 -11.23 36.25 -30.12
C SER A 71 -11.72 36.21 -31.55
N SER A 72 -11.66 35.03 -32.17
CA SER A 72 -12.03 34.85 -33.56
C SER A 72 -13.53 34.89 -33.79
N TRP A 73 -14.34 34.90 -32.73
CA TRP A 73 -15.80 34.95 -32.89
C TRP A 73 -16.22 36.41 -33.06
N VAL A 74 -16.14 36.92 -34.29
CA VAL A 74 -16.61 38.30 -34.44
C VAL A 74 -17.69 38.51 -35.51
N ASN A 75 -17.39 38.13 -36.75
CA ASN A 75 -18.29 38.41 -37.88
C ASN A 75 -19.25 37.24 -38.06
N PRO A 76 -20.56 37.44 -37.88
CA PRO A 76 -21.50 36.30 -37.98
C PRO A 76 -21.79 35.81 -39.39
N ASN A 77 -21.32 36.50 -40.42
CA ASN A 77 -21.55 36.05 -41.78
C ASN A 77 -20.81 34.75 -42.06
N THR A 78 -21.37 33.95 -42.97
CA THR A 78 -20.88 32.59 -43.19
C THR A 78 -19.42 32.56 -43.62
N SER A 79 -18.96 33.57 -44.36
CA SER A 79 -17.56 33.56 -44.78
C SER A 79 -16.62 33.57 -43.58
N SER A 80 -17.07 34.14 -42.46
CA SER A 80 -16.30 34.10 -41.21
C SER A 80 -16.71 32.92 -40.33
N PHE A 81 -18.00 32.82 -40.05
CA PHE A 81 -18.51 31.82 -39.12
C PHE A 81 -18.03 30.42 -39.49
N CYS A 82 -18.09 30.07 -40.77
CA CYS A 82 -17.80 28.68 -41.12
C CYS A 82 -16.36 28.45 -41.51
N THR A 83 -15.50 29.48 -41.45
CA THR A 83 -14.12 29.22 -41.81
C THR A 83 -13.13 29.67 -40.73
N SER A 84 -13.47 30.68 -39.93
CA SER A 84 -12.50 31.24 -39.00
C SER A 84 -12.92 31.27 -37.53
N TRP A 85 -14.18 30.97 -37.19
CA TRP A 85 -14.54 30.96 -35.78
C TRP A 85 -13.98 29.72 -35.11
N TYR A 86 -13.23 29.92 -34.03
CA TYR A 86 -12.59 28.80 -33.36
C TYR A 86 -13.63 27.78 -32.92
N GLY A 87 -13.38 26.50 -33.23
CA GLY A 87 -14.25 25.45 -32.73
C GLY A 87 -15.54 25.22 -33.51
N VAL A 88 -15.79 25.99 -34.56
CA VAL A 88 -17.03 25.87 -35.34
C VAL A 88 -16.72 25.13 -36.64
N ALA A 89 -17.50 24.09 -36.95
CA ALA A 89 -17.46 23.53 -38.31
C ALA A 89 -18.87 23.43 -38.86
N CYS A 90 -19.00 23.66 -40.16
CA CYS A 90 -20.31 23.79 -40.77
C CYS A 90 -20.49 22.72 -41.85
N SER A 91 -21.75 22.52 -42.22
CA SER A 91 -22.11 21.86 -43.47
C SER A 91 -23.17 22.72 -44.12
N LEU A 92 -22.95 23.08 -45.39
CA LEU A 92 -23.88 23.92 -46.17
C LEU A 92 -24.25 25.19 -45.39
N GLY A 93 -23.24 25.84 -44.83
CA GLY A 93 -23.40 27.11 -44.15
C GLY A 93 -24.02 27.01 -42.77
N SER A 94 -24.24 25.82 -42.25
CA SER A 94 -24.85 25.65 -40.94
C SER A 94 -23.93 24.90 -39.98
N ILE A 95 -23.90 25.32 -38.70
CA ILE A 95 -22.95 24.69 -37.77
C ILE A 95 -23.43 23.28 -37.43
N ILE A 96 -22.53 22.30 -37.60
CA ILE A 96 -22.80 20.93 -37.19
C ILE A 96 -21.85 20.43 -36.11
N ARG A 97 -20.72 21.12 -35.88
CA ARG A 97 -19.76 20.72 -34.85
C ARG A 97 -19.37 21.95 -34.04
N LEU A 98 -19.44 21.82 -32.70
CA LEU A 98 -18.97 22.85 -31.79
C LEU A 98 -17.97 22.17 -30.87
N ASN A 99 -16.70 22.54 -31.00
CA ASN A 99 -15.65 21.88 -30.25
C ASN A 99 -14.87 22.96 -29.51
N LEU A 100 -15.23 23.20 -28.25
CA LEU A 100 -14.55 24.19 -27.42
C LEU A 100 -13.85 23.51 -26.25
N THR A 101 -13.39 22.28 -26.45
CA THR A 101 -12.68 21.60 -25.36
C THR A 101 -11.45 22.39 -24.93
N ASN A 102 -11.27 22.52 -23.62
CA ASN A 102 -10.04 23.05 -23.04
C ASN A 102 -9.72 24.45 -23.56
N THR A 103 -10.73 25.31 -23.58
CA THR A 103 -10.53 26.67 -24.07
C THR A 103 -10.67 27.72 -22.97
N GLY A 104 -10.61 27.29 -21.71
CA GLY A 104 -10.65 28.23 -20.59
C GLY A 104 -11.95 29.00 -20.45
N ILE A 105 -13.07 28.42 -20.88
CA ILE A 105 -14.34 29.13 -20.76
C ILE A 105 -14.88 28.94 -19.36
N GLU A 106 -15.31 30.04 -18.74
CA GLU A 106 -16.04 29.98 -17.49
C GLU A 106 -17.43 30.54 -17.71
N GLY A 107 -18.45 29.77 -17.36
CA GLY A 107 -19.81 30.20 -17.60
C GLY A 107 -20.77 29.08 -17.25
N THR A 108 -21.97 29.15 -17.81
CA THR A 108 -22.99 28.11 -17.68
C THR A 108 -23.65 27.91 -19.04
N PHE A 109 -24.56 26.95 -19.10
CA PHE A 109 -25.35 26.73 -20.32
C PHE A 109 -26.71 27.41 -20.24
N GLU A 110 -26.90 28.29 -19.27
CA GLU A 110 -28.18 28.96 -19.11
C GLU A 110 -28.61 29.66 -20.39
N ASP A 111 -27.67 30.32 -21.07
CA ASP A 111 -27.97 31.01 -22.33
C ASP A 111 -27.41 30.30 -23.55
N PHE A 112 -27.12 29.01 -23.44
CA PHE A 112 -26.72 28.25 -24.62
C PHE A 112 -27.88 28.27 -25.62
N PRO A 113 -27.59 28.43 -26.91
CA PRO A 113 -28.69 28.73 -27.86
C PRO A 113 -29.38 27.46 -28.33
N PHE A 114 -30.11 26.80 -27.43
CA PHE A 114 -30.71 25.52 -27.79
C PHE A 114 -31.57 25.65 -29.05
N SER A 115 -32.40 26.66 -29.09
CA SER A 115 -33.36 26.72 -30.18
C SER A 115 -32.76 27.26 -31.49
N SER A 116 -31.47 27.61 -31.51
CA SER A 116 -30.88 28.23 -32.69
C SER A 116 -29.87 27.36 -33.42
N LEU A 117 -29.59 26.14 -32.95
CA LEU A 117 -28.56 25.29 -33.55
C LEU A 117 -29.13 23.93 -33.93
N PRO A 118 -30.12 23.89 -34.82
CA PRO A 118 -30.85 22.64 -35.08
C PRO A 118 -29.98 21.54 -35.65
N ASN A 119 -28.87 21.86 -36.29
CA ASN A 119 -28.06 20.83 -36.94
C ASN A 119 -26.87 20.39 -36.11
N LEU A 120 -26.80 20.78 -34.84
CA LEU A 120 -25.71 20.33 -33.98
C LEU A 120 -25.61 18.82 -33.97
N THR A 121 -24.46 18.31 -34.39
CA THR A 121 -24.19 16.88 -34.50
C THR A 121 -23.04 16.42 -33.61
N PHE A 122 -22.02 17.26 -33.43
CA PHE A 122 -20.92 16.94 -32.53
C PHE A 122 -20.72 18.10 -31.57
N VAL A 123 -20.76 17.84 -30.26
CA VAL A 123 -20.61 18.88 -29.26
C VAL A 123 -19.60 18.39 -28.25
N ASP A 124 -18.50 19.13 -28.09
CA ASP A 124 -17.45 18.79 -27.12
C ASP A 124 -17.16 20.09 -26.38
N LEU A 125 -17.67 20.21 -25.14
CA LEU A 125 -17.45 21.35 -24.27
C LEU A 125 -16.63 20.95 -23.04
N SER A 126 -15.90 19.84 -23.13
CA SER A 126 -15.15 19.27 -22.01
C SER A 126 -13.96 20.14 -21.62
N MET A 127 -13.52 19.97 -20.38
CA MET A 127 -12.30 20.60 -19.85
C MET A 127 -12.42 22.13 -19.83
N ASN A 128 -13.50 22.62 -19.22
CA ASN A 128 -13.77 24.05 -19.06
C ASN A 128 -14.26 24.28 -17.63
N ARG A 129 -14.81 25.46 -17.39
CA ARG A 129 -15.33 25.83 -16.08
C ARG A 129 -16.83 26.11 -16.21
N PHE A 130 -17.54 25.24 -16.92
CA PHE A 130 -18.99 25.33 -16.97
C PHE A 130 -19.62 24.79 -15.68
N SER A 131 -20.50 25.59 -15.09
CA SER A 131 -21.22 25.23 -13.87
C SER A 131 -22.72 25.21 -14.18
N GLY A 132 -23.53 25.02 -13.13
CA GLY A 132 -24.96 24.89 -13.32
C GLY A 132 -25.34 23.47 -13.72
N THR A 133 -26.54 23.34 -14.27
CA THR A 133 -27.16 22.03 -14.51
C THR A 133 -27.14 21.69 -16.00
N ILE A 134 -27.58 20.47 -16.30
CA ILE A 134 -27.78 20.02 -17.68
C ILE A 134 -29.27 20.16 -17.99
N SER A 135 -29.58 21.07 -18.90
CA SER A 135 -30.97 21.36 -19.22
C SER A 135 -31.65 20.19 -19.96
N PRO A 136 -32.94 19.95 -19.72
CA PRO A 136 -33.73 19.09 -20.63
C PRO A 136 -33.59 19.47 -22.09
N GLU A 137 -33.36 20.76 -22.38
CA GLU A 137 -33.31 21.25 -23.76
C GLU A 137 -32.16 20.64 -24.56
N TRP A 138 -31.14 20.06 -23.91
CA TRP A 138 -30.12 19.35 -24.69
C TRP A 138 -30.72 18.21 -25.51
N GLY A 139 -31.87 17.68 -25.08
CA GLY A 139 -32.48 16.59 -25.83
C GLY A 139 -33.19 16.97 -27.09
N ARG A 140 -33.21 18.26 -27.44
CA ARG A 140 -33.84 18.71 -28.68
C ARG A 140 -32.90 18.69 -29.87
N PHE A 141 -31.63 18.37 -29.66
CA PHE A 141 -30.67 18.32 -30.77
C PHE A 141 -30.80 16.96 -31.43
N SER A 142 -31.81 16.84 -32.31
CA SER A 142 -32.19 15.53 -32.82
C SER A 142 -31.07 14.84 -33.59
N LYS A 143 -30.14 15.60 -34.19
CA LYS A 143 -29.03 15.05 -34.96
C LYS A 143 -27.81 14.70 -34.12
N LEU A 144 -27.80 14.99 -32.82
CA LEU A 144 -26.57 14.83 -32.04
C LEU A 144 -26.06 13.39 -32.08
N GLU A 145 -24.79 13.25 -32.41
CA GLU A 145 -24.12 11.94 -32.39
C GLU A 145 -23.08 11.83 -31.30
N TYR A 146 -22.48 12.94 -30.95
CA TYR A 146 -21.33 12.98 -30.02
C TYR A 146 -21.62 14.08 -29.02
N PHE A 147 -21.63 13.74 -27.73
CA PHE A 147 -22.04 14.71 -26.72
C PHE A 147 -21.08 14.56 -25.54
N ASP A 148 -20.24 15.60 -25.31
CA ASP A 148 -19.23 15.53 -24.25
C ASP A 148 -19.25 16.82 -23.44
N LEU A 149 -19.70 16.71 -22.19
CA LEU A 149 -19.63 17.82 -21.22
C LEU A 149 -18.69 17.49 -20.07
N SER A 150 -17.76 16.58 -20.26
CA SER A 150 -16.92 16.06 -19.18
C SER A 150 -15.97 17.13 -18.64
N ILE A 151 -15.50 16.91 -17.41
CA ILE A 151 -14.44 17.72 -16.79
C ILE A 151 -14.88 19.18 -16.76
N ASN A 152 -15.95 19.42 -16.02
CA ASN A 152 -16.57 20.73 -15.82
C ASN A 152 -16.97 20.73 -14.36
N GLN A 153 -17.82 21.67 -13.96
CA GLN A 153 -18.32 21.71 -12.59
C GLN A 153 -19.83 21.71 -12.62
N LEU A 154 -20.38 20.82 -13.44
CA LEU A 154 -21.83 20.67 -13.57
C LEU A 154 -22.40 19.90 -12.38
N VAL A 155 -23.63 20.26 -12.00
CA VAL A 155 -24.29 19.71 -10.82
C VAL A 155 -25.70 19.30 -11.22
N GLY A 156 -26.43 18.72 -10.28
CA GLY A 156 -27.81 18.36 -10.55
C GLY A 156 -27.96 17.04 -11.29
N GLU A 157 -29.20 16.71 -11.64
CA GLU A 157 -29.49 15.37 -12.16
C GLU A 157 -29.38 15.35 -13.68
N ILE A 158 -29.19 14.15 -14.22
CA ILE A 158 -29.17 13.99 -15.68
C ILE A 158 -30.62 14.00 -16.14
N PRO A 159 -31.05 14.90 -17.04
CA PRO A 159 -32.46 14.93 -17.39
C PRO A 159 -32.83 13.73 -18.25
N PRO A 160 -34.04 13.20 -18.08
CA PRO A 160 -34.45 12.05 -18.93
C PRO A 160 -34.47 12.39 -20.41
N GLU A 161 -34.63 13.68 -20.75
CA GLU A 161 -34.64 14.13 -22.13
C GLU A 161 -33.35 13.78 -22.90
N LEU A 162 -32.24 13.50 -22.21
CA LEU A 162 -31.07 13.06 -23.00
C LEU A 162 -31.42 11.79 -23.76
N GLY A 163 -32.38 10.99 -23.28
CA GLY A 163 -32.80 9.81 -24.04
C GLY A 163 -33.50 10.11 -25.34
N LYS A 164 -33.82 11.38 -25.61
CA LYS A 164 -34.42 11.70 -26.89
C LYS A 164 -33.40 11.76 -28.03
N LEU A 165 -32.12 11.69 -27.71
CA LEU A 165 -31.03 11.84 -28.69
C LEU A 165 -30.83 10.52 -29.43
N SER A 166 -31.77 10.23 -30.34
CA SER A 166 -31.86 8.87 -30.89
C SER A 166 -30.66 8.53 -31.77
N ASN A 167 -29.92 9.54 -32.23
CA ASN A 167 -28.74 9.35 -33.05
C ASN A 167 -27.44 9.34 -32.25
N LEU A 168 -27.51 9.48 -30.94
CA LEU A 168 -26.28 9.58 -30.15
C LEU A 168 -25.43 8.31 -30.23
N ASP A 169 -24.16 8.48 -30.59
CA ASP A 169 -23.17 7.42 -30.55
C ASP A 169 -22.32 7.43 -29.28
N THR A 170 -21.98 8.61 -28.78
CA THR A 170 -21.09 8.70 -27.62
C THR A 170 -21.68 9.70 -26.64
N LEU A 171 -21.80 9.29 -25.37
CA LEU A 171 -22.25 10.18 -24.29
C LEU A 171 -21.17 10.23 -23.22
N HIS A 172 -20.56 11.40 -23.02
CA HIS A 172 -19.49 11.55 -22.06
C HIS A 172 -19.86 12.69 -21.14
N LEU A 173 -20.00 12.38 -19.84
CA LEU A 173 -20.33 13.37 -18.83
C LEU A 173 -19.45 13.21 -17.60
N VAL A 174 -18.23 12.74 -17.80
CA VAL A 174 -17.40 12.30 -16.68
C VAL A 174 -16.85 13.50 -15.92
N GLU A 175 -16.46 13.26 -14.65
CA GLU A 175 -15.72 14.24 -13.86
C GLU A 175 -16.51 15.55 -13.73
N ASN A 176 -17.74 15.40 -13.28
CA ASN A 176 -18.64 16.50 -12.90
C ASN A 176 -19.12 16.20 -11.49
N LYS A 177 -20.12 16.91 -10.99
CA LYS A 177 -20.75 16.54 -9.73
C LYS A 177 -22.24 16.27 -9.91
N LEU A 178 -22.58 15.55 -10.97
CA LEU A 178 -23.96 15.16 -11.25
C LEU A 178 -24.45 14.19 -10.18
N ASN A 179 -25.73 14.31 -9.80
CA ASN A 179 -26.24 13.50 -8.70
C ASN A 179 -27.61 12.95 -9.09
N GLY A 180 -28.30 12.36 -8.12
CA GLY A 180 -29.55 11.67 -8.38
C GLY A 180 -29.33 10.37 -9.14
N SER A 181 -30.44 9.74 -9.55
CA SER A 181 -30.39 8.49 -10.31
C SER A 181 -30.22 8.73 -11.80
N ILE A 182 -29.64 7.75 -12.48
CA ILE A 182 -29.58 7.76 -13.93
C ILE A 182 -31.00 7.52 -14.41
N PRO A 183 -31.56 8.39 -15.24
CA PRO A 183 -32.95 8.20 -15.66
C PRO A 183 -33.07 6.99 -16.58
N SER A 184 -34.20 6.29 -16.41
CA SER A 184 -34.50 5.11 -17.21
C SER A 184 -34.51 5.42 -18.70
N GLU A 185 -34.88 6.65 -19.04
CA GLU A 185 -34.98 7.01 -20.44
C GLU A 185 -33.65 6.97 -21.18
N ILE A 186 -32.50 6.94 -20.45
CA ILE A 186 -31.20 6.78 -21.12
C ILE A 186 -31.18 5.48 -21.93
N GLY A 187 -31.99 4.50 -21.55
CA GLY A 187 -32.11 3.24 -22.26
C GLY A 187 -32.76 3.34 -23.62
N ARG A 188 -33.22 4.54 -24.02
CA ARG A 188 -33.74 4.73 -25.35
C ARG A 188 -32.69 5.06 -26.39
N LEU A 189 -31.42 5.17 -25.96
CA LEU A 189 -30.32 5.54 -26.86
C LEU A 189 -29.88 4.27 -27.60
N THR A 190 -30.71 3.84 -28.54
CA THR A 190 -30.50 2.53 -29.14
C THR A 190 -29.29 2.47 -30.06
N LYS A 191 -28.71 3.60 -30.44
CA LYS A 191 -27.50 3.57 -31.25
C LYS A 191 -26.23 3.88 -30.47
N VAL A 192 -26.33 4.16 -29.17
CA VAL A 192 -25.13 4.58 -28.42
C VAL A 192 -24.16 3.40 -28.28
N THR A 193 -22.87 3.65 -28.55
CA THR A 193 -21.85 2.63 -28.36
C THR A 193 -20.99 2.87 -27.13
N GLU A 194 -20.93 4.09 -26.62
CA GLU A 194 -20.17 4.36 -25.40
C GLU A 194 -20.90 5.34 -24.50
N ILE A 195 -21.07 4.92 -23.24
CA ILE A 195 -21.59 5.79 -22.19
C ILE A 195 -20.53 5.89 -21.11
N ALA A 196 -20.10 7.11 -20.81
CA ALA A 196 -19.13 7.30 -19.73
C ALA A 196 -19.65 8.41 -18.81
N ILE A 197 -20.02 8.04 -17.58
CA ILE A 197 -20.47 9.01 -16.60
C ILE A 197 -19.68 8.83 -15.31
N TYR A 198 -18.44 8.35 -15.42
CA TYR A 198 -17.70 8.03 -14.20
C TYR A 198 -17.31 9.33 -13.48
N ASP A 199 -16.99 9.18 -12.18
CA ASP A 199 -16.49 10.28 -11.34
C ASP A 199 -17.50 11.42 -11.25
N ASN A 200 -18.66 11.07 -10.70
CA ASN A 200 -19.78 11.97 -10.43
C ASN A 200 -20.31 11.57 -9.05
N LEU A 201 -21.50 12.06 -8.70
CA LEU A 201 -22.13 11.77 -7.41
C LEU A 201 -23.42 10.99 -7.59
N LEU A 202 -23.49 10.16 -8.64
CA LEU A 202 -24.74 9.49 -8.96
C LEU A 202 -25.12 8.52 -7.87
N THR A 203 -26.43 8.40 -7.61
CA THR A 203 -26.95 7.41 -6.68
C THR A 203 -28.02 6.56 -7.36
N GLY A 204 -28.67 5.68 -6.61
CA GLY A 204 -29.73 4.85 -7.17
C GLY A 204 -29.20 3.73 -8.05
N PRO A 205 -30.11 2.89 -8.56
CA PRO A 205 -29.70 1.69 -9.31
C PRO A 205 -29.39 2.00 -10.77
N ILE A 206 -28.62 1.09 -11.36
CA ILE A 206 -28.46 1.10 -12.80
C ILE A 206 -29.78 0.69 -13.43
N PRO A 207 -30.35 1.48 -14.34
CA PRO A 207 -31.69 1.18 -14.83
C PRO A 207 -31.69 -0.11 -15.61
N SER A 208 -32.73 -0.91 -15.40
CA SER A 208 -32.83 -2.14 -16.17
C SER A 208 -33.04 -1.88 -17.65
N SER A 209 -33.51 -0.68 -18.03
CA SER A 209 -33.62 -0.30 -19.44
C SER A 209 -32.28 -0.29 -20.16
N PHE A 210 -31.17 -0.32 -19.43
CA PHE A 210 -29.87 -0.39 -20.11
C PHE A 210 -29.74 -1.67 -20.92
N GLY A 211 -30.57 -2.67 -20.66
CA GLY A 211 -30.59 -3.85 -21.51
C GLY A 211 -31.06 -3.59 -22.92
N ASN A 212 -31.66 -2.43 -23.18
CA ASN A 212 -32.10 -2.09 -24.51
C ASN A 212 -31.05 -1.41 -25.35
N LEU A 213 -29.89 -1.16 -24.77
CA LEU A 213 -28.83 -0.43 -25.46
C LEU A 213 -28.04 -1.43 -26.29
N THR A 214 -28.66 -1.91 -27.38
CA THR A 214 -28.11 -3.12 -27.96
C THR A 214 -26.79 -2.86 -28.68
N LYS A 215 -26.45 -1.61 -28.97
CA LYS A 215 -25.18 -1.32 -29.61
C LYS A 215 -24.08 -0.93 -28.62
N LEU A 216 -24.38 -0.95 -27.32
CA LEU A 216 -23.41 -0.50 -26.33
C LEU A 216 -22.17 -1.38 -26.35
N VAL A 217 -21.01 -0.73 -26.44
CA VAL A 217 -19.72 -1.39 -26.44
C VAL A 217 -18.98 -1.15 -25.11
N ASN A 218 -18.90 0.11 -24.66
CA ASN A 218 -18.18 0.43 -23.43
C ASN A 218 -19.13 1.17 -22.48
N LEU A 219 -19.23 0.67 -21.24
CA LEU A 219 -20.07 1.29 -20.22
C LEU A 219 -19.19 1.60 -19.03
N TYR A 220 -18.96 2.91 -18.78
CA TYR A 220 -18.04 3.34 -17.73
C TYR A 220 -18.81 4.16 -16.71
N LEU A 221 -19.11 3.58 -15.54
CA LEU A 221 -19.89 4.23 -14.48
C LEU A 221 -19.14 4.26 -13.15
N PHE A 222 -17.84 3.99 -13.16
CA PHE A 222 -17.09 3.89 -11.92
C PHE A 222 -16.98 5.23 -11.19
N ILE A 223 -16.63 5.15 -9.90
CA ILE A 223 -16.51 6.31 -9.02
C ILE A 223 -17.83 7.09 -8.99
N ASN A 224 -18.86 6.44 -8.45
CA ASN A 224 -20.13 7.04 -8.13
C ASN A 224 -20.61 6.38 -6.84
N SER A 225 -21.87 6.59 -6.50
CA SER A 225 -22.49 5.92 -5.37
C SER A 225 -23.73 5.15 -5.83
N LEU A 226 -23.59 4.49 -6.97
CA LEU A 226 -24.70 3.70 -7.49
C LEU A 226 -24.97 2.54 -6.55
N SER A 227 -26.22 2.14 -6.43
CA SER A 227 -26.63 1.19 -5.41
C SER A 227 -27.61 0.19 -6.01
N GLY A 228 -28.15 -0.69 -5.18
CA GLY A 228 -29.03 -1.73 -5.68
C GLY A 228 -28.25 -2.86 -6.37
N SER A 229 -29.01 -3.82 -6.90
CA SER A 229 -28.45 -4.95 -7.62
C SER A 229 -28.14 -4.55 -9.05
N ILE A 230 -27.09 -5.14 -9.60
CA ILE A 230 -26.87 -5.00 -11.03
C ILE A 230 -28.04 -5.63 -11.78
N PRO A 231 -28.70 -4.92 -12.69
CA PRO A 231 -29.82 -5.55 -13.41
C PRO A 231 -29.33 -6.66 -14.31
N SER A 232 -30.10 -7.77 -14.33
CA SER A 232 -29.67 -8.92 -15.13
C SER A 232 -29.71 -8.63 -16.63
N GLU A 233 -30.47 -7.59 -17.04
CA GLU A 233 -30.55 -7.22 -18.45
C GLU A 233 -29.18 -6.77 -19.01
N ILE A 234 -28.27 -6.33 -18.15
CA ILE A 234 -26.91 -5.98 -18.58
C ILE A 234 -26.23 -7.18 -19.23
N GLY A 235 -26.51 -8.39 -18.75
CA GLY A 235 -25.85 -9.57 -19.30
C GLY A 235 -26.24 -9.86 -20.73
N ASN A 236 -27.32 -9.26 -21.21
CA ASN A 236 -27.84 -9.57 -22.54
C ASN A 236 -27.46 -8.50 -23.58
N LEU A 237 -26.41 -7.77 -23.33
CA LEU A 237 -25.89 -6.78 -24.26
C LEU A 237 -24.84 -7.44 -25.16
N PRO A 238 -25.19 -7.80 -26.40
CA PRO A 238 -24.29 -8.66 -27.20
C PRO A 238 -23.00 -8.01 -27.63
N ASN A 239 -22.98 -6.68 -27.78
CA ASN A 239 -21.80 -6.00 -28.28
C ASN A 239 -20.89 -5.49 -27.17
N LEU A 240 -21.27 -5.69 -25.92
CA LEU A 240 -20.49 -5.11 -24.83
C LEU A 240 -19.08 -5.69 -24.79
N ARG A 241 -18.10 -4.78 -24.71
CA ARG A 241 -16.70 -5.16 -24.59
C ARG A 241 -16.09 -4.80 -23.25
N GLU A 242 -16.40 -3.60 -22.72
CA GLU A 242 -15.85 -3.17 -21.44
C GLU A 242 -16.98 -2.73 -20.54
N LEU A 243 -16.97 -3.26 -19.32
CA LEU A 243 -18.00 -3.02 -18.32
C LEU A 243 -17.27 -2.64 -17.03
N CYS A 244 -17.27 -1.36 -16.70
CA CYS A 244 -16.53 -0.86 -15.51
C CYS A 244 -17.51 -0.22 -14.56
N LEU A 245 -17.86 -0.95 -13.50
CA LEU A 245 -18.81 -0.50 -12.48
C LEU A 245 -18.16 -0.38 -11.12
N ASP A 246 -16.84 -0.39 -11.09
CA ASP A 246 -16.06 -0.39 -9.85
C ASP A 246 -16.30 0.90 -9.08
N ARG A 247 -16.01 0.85 -7.78
CA ARG A 247 -16.05 2.03 -6.91
C ARG A 247 -17.43 2.68 -6.94
N ASN A 248 -18.42 1.87 -6.55
CA ASN A 248 -19.81 2.24 -6.37
C ASN A 248 -20.24 1.57 -5.08
N ASN A 249 -21.55 1.57 -4.83
CA ASN A 249 -22.13 0.89 -3.68
C ASN A 249 -23.14 -0.17 -4.10
N LEU A 250 -22.81 -0.91 -5.16
CA LEU A 250 -23.70 -1.95 -5.65
C LEU A 250 -23.73 -3.11 -4.67
N THR A 251 -24.90 -3.73 -4.52
CA THR A 251 -25.15 -4.81 -3.58
C THR A 251 -25.75 -5.99 -4.36
N GLY A 252 -26.07 -7.08 -3.65
CA GLY A 252 -26.66 -8.21 -4.33
C GLY A 252 -25.65 -9.00 -5.14
N LYS A 253 -26.17 -10.04 -5.81
CA LYS A 253 -25.31 -11.00 -6.49
C LYS A 253 -25.01 -10.61 -7.93
N ILE A 254 -23.85 -11.03 -8.40
CA ILE A 254 -23.53 -10.86 -9.82
C ILE A 254 -24.54 -11.68 -10.64
N PRO A 255 -25.19 -11.11 -11.67
CA PRO A 255 -26.22 -11.86 -12.40
C PRO A 255 -25.63 -13.03 -13.17
N SER A 256 -26.34 -14.14 -13.17
CA SER A 256 -25.91 -15.31 -13.93
C SER A 256 -26.01 -15.06 -15.43
N SER A 257 -26.82 -14.09 -15.84
CA SER A 257 -26.89 -13.68 -17.24
C SER A 257 -25.56 -13.17 -17.76
N PHE A 258 -24.60 -12.80 -16.88
CA PHE A 258 -23.30 -12.36 -17.35
C PHE A 258 -22.59 -13.43 -18.19
N GLY A 259 -22.95 -14.70 -18.01
CA GLY A 259 -22.42 -15.71 -18.92
C GLY A 259 -22.81 -15.50 -20.38
N ASN A 260 -23.78 -14.62 -20.65
CA ASN A 260 -24.04 -14.34 -22.05
C ASN A 260 -23.14 -13.26 -22.64
N LEU A 261 -22.28 -12.65 -21.82
CA LEU A 261 -21.40 -11.57 -22.29
C LEU A 261 -20.15 -12.16 -22.93
N LYS A 262 -20.34 -12.65 -24.16
CA LYS A 262 -19.30 -13.36 -24.88
C LYS A 262 -18.22 -12.44 -25.43
N ASN A 263 -18.47 -11.14 -25.54
CA ASN A 263 -17.48 -10.24 -26.11
C ASN A 263 -16.79 -9.38 -25.07
N VAL A 264 -17.13 -9.51 -23.80
CA VAL A 264 -16.56 -8.61 -22.79
C VAL A 264 -15.12 -9.04 -22.49
N THR A 265 -14.19 -8.11 -22.64
CA THR A 265 -12.79 -8.35 -22.37
C THR A 265 -12.33 -7.77 -21.03
N LEU A 266 -13.10 -6.82 -20.50
CA LEU A 266 -12.78 -6.12 -19.26
C LEU A 266 -14.03 -6.05 -18.41
N LEU A 267 -13.99 -6.65 -17.22
CA LEU A 267 -15.09 -6.59 -16.25
C LEU A 267 -14.48 -6.14 -14.94
N ASN A 268 -14.62 -4.84 -14.64
CA ASN A 268 -14.15 -4.23 -13.38
C ASN A 268 -15.37 -3.93 -12.53
N MET A 269 -15.51 -4.60 -11.37
CA MET A 269 -16.56 -4.28 -10.41
C MET A 269 -16.01 -4.28 -8.99
N PHE A 270 -14.71 -4.05 -8.85
CA PHE A 270 -14.06 -3.99 -7.56
C PHE A 270 -14.59 -2.80 -6.74
N GLU A 271 -14.43 -2.88 -5.43
CA GLU A 271 -14.81 -1.82 -4.49
C GLU A 271 -16.30 -1.47 -4.64
N ASN A 272 -17.12 -2.49 -4.37
CA ASN A 272 -18.56 -2.44 -4.29
C ASN A 272 -18.95 -3.26 -3.07
N GLN A 273 -20.23 -3.55 -2.93
CA GLN A 273 -20.70 -4.37 -1.82
C GLN A 273 -21.40 -5.62 -2.34
N LEU A 274 -20.92 -6.13 -3.48
CA LEU A 274 -21.51 -7.31 -4.09
C LEU A 274 -21.42 -8.50 -3.12
N SER A 275 -22.45 -9.34 -3.14
CA SER A 275 -22.52 -10.42 -2.17
C SER A 275 -22.92 -11.71 -2.87
N GLY A 276 -23.10 -12.76 -2.08
CA GLY A 276 -23.42 -14.06 -2.66
C GLY A 276 -22.18 -14.66 -3.28
N GLU A 277 -22.39 -15.73 -4.03
CA GLU A 277 -21.31 -16.48 -4.68
C GLU A 277 -21.10 -15.98 -6.10
N ILE A 278 -19.87 -16.08 -6.56
CA ILE A 278 -19.57 -15.76 -7.95
C ILE A 278 -20.25 -16.82 -8.79
N PRO A 279 -21.13 -16.45 -9.72
CA PRO A 279 -21.92 -17.46 -10.42
C PRO A 279 -21.02 -18.26 -11.36
N PRO A 280 -21.21 -19.58 -11.43
CA PRO A 280 -20.43 -20.41 -12.37
C PRO A 280 -20.56 -19.97 -13.81
N GLU A 281 -21.66 -19.31 -14.17
CA GLU A 281 -21.81 -18.77 -15.52
C GLU A 281 -20.73 -17.76 -15.88
N ILE A 282 -20.00 -17.19 -14.91
CA ILE A 282 -18.90 -16.28 -15.27
C ILE A 282 -17.88 -16.99 -16.15
N GLY A 283 -17.72 -18.30 -15.99
CA GLY A 283 -16.79 -19.03 -16.85
C GLY A 283 -17.19 -19.06 -18.33
N ASN A 284 -18.40 -18.64 -18.66
CA ASN A 284 -18.78 -18.52 -20.05
C ASN A 284 -18.42 -17.17 -20.67
N MET A 285 -17.84 -16.26 -19.90
CA MET A 285 -17.28 -15.01 -20.42
C MET A 285 -15.92 -15.31 -21.05
N THR A 286 -15.97 -15.99 -22.18
CA THR A 286 -14.78 -16.59 -22.77
C THR A 286 -13.93 -15.61 -23.56
N ALA A 287 -14.24 -14.30 -23.58
CA ALA A 287 -13.28 -13.31 -24.10
C ALA A 287 -12.62 -12.49 -23.02
N LEU A 288 -12.92 -12.74 -21.75
CA LEU A 288 -12.37 -11.92 -20.67
C LEU A 288 -10.85 -11.96 -20.66
N ASP A 289 -10.24 -10.77 -20.63
CA ASP A 289 -8.83 -10.62 -20.37
C ASP A 289 -8.54 -10.27 -18.91
N THR A 290 -9.42 -9.46 -18.32
CA THR A 290 -9.21 -8.95 -16.95
C THR A 290 -10.55 -9.04 -16.23
N LEU A 291 -10.56 -9.76 -15.09
CA LEU A 291 -11.73 -9.86 -14.24
C LEU A 291 -11.33 -9.35 -12.86
N SER A 292 -11.94 -8.24 -12.42
CA SER A 292 -11.59 -7.67 -11.12
C SER A 292 -12.86 -7.51 -10.29
N LEU A 293 -12.91 -8.26 -9.19
CA LEU A 293 -14.03 -8.25 -8.26
C LEU A 293 -13.52 -7.98 -6.85
N HIS A 294 -12.32 -7.46 -6.72
CA HIS A 294 -11.72 -7.33 -5.39
C HIS A 294 -12.49 -6.33 -4.53
N THR A 295 -12.36 -6.47 -3.21
CA THR A 295 -12.97 -5.53 -2.27
C THR A 295 -14.49 -5.49 -2.45
N ASN A 296 -15.10 -6.66 -2.24
CA ASN A 296 -16.54 -6.85 -2.28
C ASN A 296 -16.86 -7.73 -1.07
N LYS A 297 -18.08 -8.25 -1.02
CA LYS A 297 -18.47 -9.15 0.07
C LYS A 297 -18.89 -10.51 -0.47
N LEU A 298 -18.13 -11.02 -1.45
CA LEU A 298 -18.49 -12.29 -2.07
C LEU A 298 -18.12 -13.44 -1.16
N THR A 299 -18.95 -14.48 -1.16
CA THR A 299 -18.80 -15.62 -0.27
C THR A 299 -18.79 -16.88 -1.13
N GLY A 300 -18.60 -18.02 -0.47
CA GLY A 300 -18.67 -19.28 -1.17
C GLY A 300 -17.39 -19.56 -1.95
N PRO A 301 -17.36 -20.67 -2.69
CA PRO A 301 -16.12 -21.07 -3.39
C PRO A 301 -15.88 -20.30 -4.67
N ILE A 302 -14.60 -20.24 -5.04
CA ILE A 302 -14.26 -19.75 -6.38
C ILE A 302 -14.83 -20.73 -7.39
N PRO A 303 -15.54 -20.28 -8.42
CA PRO A 303 -16.13 -21.23 -9.37
C PRO A 303 -15.06 -21.94 -10.17
N SER A 304 -15.21 -23.27 -10.31
CA SER A 304 -14.25 -24.02 -11.09
C SER A 304 -14.31 -23.70 -12.58
N THR A 305 -15.42 -23.10 -13.03
CA THR A 305 -15.55 -22.79 -14.45
C THR A 305 -14.64 -21.68 -14.90
N LEU A 306 -13.96 -20.96 -13.99
CA LEU A 306 -13.00 -19.96 -14.43
C LEU A 306 -11.92 -20.58 -15.28
N GLY A 307 -11.64 -21.87 -15.10
CA GLY A 307 -10.65 -22.52 -15.95
C GLY A 307 -11.04 -22.56 -17.41
N ASN A 308 -12.33 -22.34 -17.71
CA ASN A 308 -12.80 -22.30 -19.09
C ASN A 308 -12.35 -21.03 -19.83
N ILE A 309 -11.92 -19.98 -19.12
CA ILE A 309 -11.60 -18.70 -19.75
C ILE A 309 -10.12 -18.71 -20.14
N LYS A 310 -9.86 -19.08 -21.39
CA LYS A 310 -8.50 -19.33 -21.83
C LYS A 310 -7.77 -18.03 -22.12
N THR A 311 -8.52 -16.96 -22.29
CA THR A 311 -7.97 -15.62 -22.51
C THR A 311 -7.66 -14.89 -21.21
N LEU A 312 -8.03 -15.43 -20.05
CA LEU A 312 -7.99 -14.62 -18.84
C LEU A 312 -6.55 -14.45 -18.38
N ALA A 313 -6.11 -13.19 -18.31
CA ALA A 313 -4.74 -12.87 -17.92
C ALA A 313 -4.63 -12.25 -16.55
N VAL A 314 -5.70 -11.63 -16.06
CA VAL A 314 -5.63 -10.91 -14.79
C VAL A 314 -6.88 -11.30 -14.02
N LEU A 315 -6.72 -11.78 -12.78
CA LEU A 315 -7.86 -12.19 -11.96
C LEU A 315 -7.61 -11.61 -10.57
N HIS A 316 -8.40 -10.62 -10.19
CA HIS A 316 -8.29 -9.98 -8.89
C HIS A 316 -9.56 -10.31 -8.11
N LEU A 317 -9.43 -11.19 -7.11
CA LEU A 317 -10.55 -11.54 -6.23
C LEU A 317 -10.25 -11.24 -4.77
N TYR A 318 -9.21 -10.48 -4.49
CA TYR A 318 -8.78 -10.33 -3.12
C TYR A 318 -9.76 -9.46 -2.33
N LEU A 319 -9.68 -9.59 -1.00
CA LEU A 319 -10.52 -8.80 -0.09
C LEU A 319 -12.00 -9.11 -0.31
N ASN A 320 -12.31 -10.40 -0.27
CA ASN A 320 -13.66 -10.93 -0.24
C ASN A 320 -13.74 -11.96 0.88
N GLN A 321 -14.83 -12.73 0.95
CA GLN A 321 -14.95 -13.79 1.94
C GLN A 321 -15.06 -15.15 1.26
N LEU A 322 -14.33 -15.32 0.15
CA LEU A 322 -14.35 -16.59 -0.58
C LEU A 322 -13.75 -17.70 0.27
N ASN A 323 -14.39 -18.87 0.25
CA ASN A 323 -14.04 -19.97 1.13
C ASN A 323 -13.90 -21.28 0.33
N GLY A 324 -13.64 -22.35 1.02
CA GLY A 324 -13.49 -23.61 0.31
C GLY A 324 -12.10 -23.72 -0.29
N SER A 325 -11.91 -24.77 -1.09
CA SER A 325 -10.63 -25.05 -1.72
C SER A 325 -10.49 -24.31 -3.05
N ILE A 326 -9.26 -23.99 -3.41
CA ILE A 326 -8.96 -23.48 -4.74
C ILE A 326 -9.25 -24.61 -5.73
N PRO A 327 -10.18 -24.46 -6.67
CA PRO A 327 -10.44 -25.54 -7.65
C PRO A 327 -9.19 -25.86 -8.46
N PRO A 328 -8.90 -27.14 -8.68
CA PRO A 328 -7.77 -27.48 -9.54
C PRO A 328 -7.93 -26.96 -10.95
N GLU A 329 -9.17 -26.72 -11.37
CA GLU A 329 -9.43 -26.17 -12.70
C GLU A 329 -8.85 -24.78 -12.88
N LEU A 330 -8.57 -24.05 -11.80
CA LEU A 330 -7.90 -22.77 -12.00
C LEU A 330 -6.56 -22.94 -12.68
N GLY A 331 -5.95 -24.12 -12.55
CA GLY A 331 -4.71 -24.38 -13.25
C GLY A 331 -4.84 -24.39 -14.76
N GLU A 332 -6.07 -24.42 -15.28
CA GLU A 332 -6.31 -24.46 -16.71
C GLU A 332 -6.48 -23.06 -17.32
N MET A 333 -6.28 -22.00 -16.53
CA MET A 333 -6.39 -20.65 -17.07
C MET A 333 -5.06 -20.34 -17.75
N GLU A 334 -4.94 -20.81 -19.00
CA GLU A 334 -3.62 -20.89 -19.63
C GLU A 334 -2.99 -19.52 -19.81
N SER A 335 -3.80 -18.47 -19.94
CA SER A 335 -3.22 -17.13 -20.16
C SER A 335 -2.88 -16.39 -18.89
N MET A 336 -3.10 -16.97 -17.72
CA MET A 336 -3.06 -16.22 -16.46
C MET A 336 -1.66 -15.66 -16.19
N ILE A 337 -1.59 -14.34 -15.98
CA ILE A 337 -0.35 -13.65 -15.62
C ILE A 337 -0.37 -13.20 -14.16
N ASP A 338 -1.52 -12.71 -13.70
CA ASP A 338 -1.59 -11.93 -12.46
C ASP A 338 -2.79 -12.47 -11.69
N LEU A 339 -2.54 -13.43 -10.79
CA LEU A 339 -3.59 -14.17 -10.09
C LEU A 339 -3.57 -13.73 -8.62
N GLU A 340 -4.58 -12.99 -8.18
CA GLU A 340 -4.59 -12.42 -6.83
C GLU A 340 -5.87 -12.83 -6.09
N ILE A 341 -5.76 -13.77 -5.16
CA ILE A 341 -6.91 -14.25 -4.38
C ILE A 341 -6.59 -14.17 -2.89
N SER A 342 -5.65 -13.30 -2.52
CA SER A 342 -5.31 -13.01 -1.14
C SER A 342 -6.50 -12.40 -0.38
N GLU A 343 -6.35 -12.34 0.95
CA GLU A 343 -7.35 -11.72 1.83
C GLU A 343 -8.75 -12.27 1.58
N ASN A 344 -8.85 -13.58 1.77
CA ASN A 344 -10.08 -14.34 1.66
C ASN A 344 -10.08 -15.35 2.80
N LYS A 345 -10.97 -16.32 2.72
CA LYS A 345 -11.00 -17.39 3.71
C LYS A 345 -10.80 -18.76 3.08
N LEU A 346 -9.92 -18.86 2.08
CA LEU A 346 -9.70 -20.13 1.39
C LEU A 346 -8.98 -21.12 2.27
N THR A 347 -9.37 -22.38 2.16
CA THR A 347 -8.76 -23.46 2.91
C THR A 347 -8.22 -24.53 1.95
N GLY A 348 -7.56 -25.53 2.51
CA GLY A 348 -7.10 -26.66 1.72
C GLY A 348 -5.79 -26.31 1.04
N PRO A 349 -5.34 -27.21 0.17
CA PRO A 349 -4.00 -27.10 -0.41
C PRO A 349 -4.03 -26.36 -1.74
N VAL A 350 -2.86 -25.87 -2.15
CA VAL A 350 -2.74 -25.31 -3.50
C VAL A 350 -2.67 -26.48 -4.48
N PRO A 351 -3.46 -26.50 -5.56
CA PRO A 351 -3.49 -27.69 -6.43
C PRO A 351 -2.23 -27.78 -7.27
N ASP A 352 -1.77 -29.04 -7.51
CA ASP A 352 -0.62 -29.28 -8.39
C ASP A 352 -0.79 -28.69 -9.77
N SER A 353 -2.04 -28.58 -10.20
CA SER A 353 -2.31 -28.05 -11.52
C SER A 353 -1.80 -26.63 -11.71
N PHE A 354 -1.44 -25.90 -10.64
CA PHE A 354 -0.84 -24.58 -10.84
C PHE A 354 0.44 -24.67 -11.66
N GLY A 355 1.06 -25.84 -11.75
CA GLY A 355 2.22 -25.99 -12.63
C GLY A 355 1.90 -25.87 -14.11
N LYS A 356 0.62 -25.90 -14.49
CA LYS A 356 0.22 -25.64 -15.87
C LYS A 356 0.09 -24.16 -16.22
N LEU A 357 0.22 -23.26 -15.24
CA LEU A 357 0.07 -21.81 -15.45
C LEU A 357 1.41 -21.27 -15.92
N THR A 358 1.71 -21.51 -17.21
CA THR A 358 3.07 -21.25 -17.65
C THR A 358 3.37 -19.79 -17.92
N ALA A 359 2.36 -18.91 -17.89
CA ALA A 359 2.61 -17.48 -18.06
C ALA A 359 2.55 -16.73 -16.75
N LEU A 360 2.37 -17.44 -15.64
CA LEU A 360 2.16 -16.80 -14.34
C LEU A 360 3.32 -15.89 -13.96
N GLU A 361 3.03 -14.64 -13.58
CA GLU A 361 4.06 -13.72 -13.10
C GLU A 361 3.84 -13.34 -11.63
N TRP A 362 2.61 -12.97 -11.25
CA TRP A 362 2.27 -12.59 -9.88
C TRP A 362 1.30 -13.63 -9.34
N LEU A 363 1.62 -14.22 -8.18
CA LEU A 363 0.71 -15.13 -7.50
C LEU A 363 0.54 -14.61 -6.07
N PHE A 364 -0.63 -14.04 -5.77
CA PHE A 364 -0.92 -13.48 -4.45
C PHE A 364 -1.91 -14.41 -3.73
N LEU A 365 -1.46 -15.09 -2.67
CA LEU A 365 -2.30 -15.99 -1.91
C LEU A 365 -2.30 -15.64 -0.44
N ARG A 366 -1.62 -14.55 -0.05
CA ARG A 366 -1.46 -14.30 1.39
C ARG A 366 -2.81 -14.04 2.08
N ASP A 367 -2.79 -14.24 3.40
CA ASP A 367 -3.92 -13.95 4.28
C ASP A 367 -5.14 -14.78 3.86
N ASN A 368 -4.96 -16.08 3.93
CA ASN A 368 -6.02 -17.08 3.71
C ASN A 368 -5.83 -18.11 4.81
N GLN A 369 -6.52 -19.23 4.71
CA GLN A 369 -6.26 -20.35 5.63
C GLN A 369 -5.81 -21.59 4.84
N LEU A 370 -4.98 -21.39 3.80
CA LEU A 370 -4.48 -22.52 3.01
C LEU A 370 -3.48 -23.31 3.83
N SER A 371 -3.35 -24.60 3.53
CA SER A 371 -2.51 -25.40 4.41
C SER A 371 -1.83 -26.50 3.60
N GLY A 372 -0.99 -27.28 4.28
CA GLY A 372 -0.38 -28.44 3.67
C GLY A 372 0.85 -28.05 2.87
N PRO A 373 1.50 -29.05 2.27
CA PRO A 373 2.70 -28.78 1.49
C PRO A 373 2.35 -28.05 0.21
N ILE A 374 3.29 -27.27 -0.31
CA ILE A 374 3.01 -26.65 -1.60
C ILE A 374 3.61 -27.52 -2.71
N PRO A 375 2.89 -27.71 -3.81
CA PRO A 375 3.36 -28.60 -4.88
C PRO A 375 4.41 -27.88 -5.70
N PRO A 376 5.40 -28.58 -6.26
CA PRO A 376 6.41 -27.89 -7.09
C PRO A 376 5.79 -27.05 -8.20
N GLY A 377 4.58 -27.40 -8.65
CA GLY A 377 3.96 -26.62 -9.70
C GLY A 377 3.68 -25.18 -9.31
N ILE A 378 3.58 -24.89 -8.00
CA ILE A 378 3.24 -23.52 -7.60
C ILE A 378 4.29 -22.53 -8.05
N ALA A 379 5.54 -22.97 -8.14
CA ALA A 379 6.64 -22.08 -8.50
C ALA A 379 7.24 -22.44 -9.86
N ASN A 380 6.50 -23.19 -10.69
CA ASN A 380 7.04 -23.77 -11.90
C ASN A 380 7.11 -22.78 -13.06
N SER A 381 6.41 -21.65 -13.00
CA SER A 381 6.45 -20.71 -14.13
C SER A 381 7.84 -20.11 -14.25
N THR A 382 8.40 -20.13 -15.47
CA THR A 382 9.67 -19.46 -15.65
C THR A 382 9.52 -17.95 -15.59
N GLU A 383 8.30 -17.43 -15.77
CA GLU A 383 8.05 -15.99 -15.72
C GLU A 383 7.71 -15.47 -14.32
N LEU A 384 7.66 -16.35 -13.31
CA LEU A 384 7.22 -15.93 -11.99
C LEU A 384 8.16 -14.88 -11.40
N THR A 385 7.60 -13.72 -11.02
CA THR A 385 8.40 -12.71 -10.34
C THR A 385 7.98 -12.47 -8.90
N VAL A 386 6.73 -12.77 -8.55
CA VAL A 386 6.22 -12.46 -7.22
C VAL A 386 5.42 -13.67 -6.72
N LEU A 387 5.84 -14.23 -5.59
CA LEU A 387 5.16 -15.37 -4.99
C LEU A 387 4.84 -14.97 -3.55
N GLN A 388 3.57 -14.67 -3.28
CA GLN A 388 3.18 -14.09 -2.00
C GLN A 388 2.28 -15.09 -1.27
N LEU A 389 2.81 -15.71 -0.20
CA LEU A 389 2.12 -16.80 0.49
C LEU A 389 1.99 -16.54 1.98
N ASP A 390 2.36 -15.35 2.45
CA ASP A 390 2.36 -15.02 3.88
C ASP A 390 1.01 -15.29 4.53
N THR A 391 1.04 -15.54 5.83
CA THR A 391 -0.18 -15.60 6.65
C THR A 391 -1.14 -16.68 6.11
N ASN A 392 -0.60 -17.90 6.05
CA ASN A 392 -1.34 -19.13 5.73
C ASN A 392 -0.77 -20.18 6.67
N ASN A 393 -1.09 -21.46 6.43
CA ASN A 393 -0.55 -22.54 7.26
C ASN A 393 0.13 -23.60 6.41
N PHE A 394 0.92 -23.16 5.43
CA PHE A 394 1.65 -24.09 4.58
C PHE A 394 2.74 -24.78 5.39
N THR A 395 3.06 -26.00 4.97
CA THR A 395 4.04 -26.85 5.64
C THR A 395 5.06 -27.34 4.61
N GLY A 396 6.07 -28.05 5.10
CA GLY A 396 7.04 -28.74 4.25
C GLY A 396 8.10 -27.83 3.67
N PHE A 397 8.79 -28.33 2.63
CA PHE A 397 9.93 -27.61 2.03
C PHE A 397 9.46 -26.70 0.90
N LEU A 398 10.29 -25.70 0.58
CA LEU A 398 10.12 -24.98 -0.67
C LEU A 398 10.52 -25.90 -1.82
N PRO A 399 9.90 -25.75 -2.97
CA PRO A 399 10.17 -26.70 -4.08
C PRO A 399 11.41 -26.32 -4.85
N ASP A 400 12.01 -27.34 -5.44
CA ASP A 400 13.22 -27.11 -6.23
C ASP A 400 12.95 -26.44 -7.56
N THR A 401 11.69 -26.26 -7.93
CA THR A 401 11.33 -25.45 -9.09
C THR A 401 11.51 -23.95 -8.87
N ILE A 402 11.70 -23.51 -7.62
CA ILE A 402 11.61 -22.08 -7.34
C ILE A 402 12.73 -21.33 -8.07
N CYS A 403 12.36 -20.23 -8.71
CA CYS A 403 13.25 -19.39 -9.50
C CYS A 403 13.97 -20.16 -10.61
N ARG A 404 13.36 -21.23 -11.14
CA ARG A 404 14.05 -21.93 -12.22
C ARG A 404 14.18 -21.05 -13.45
N GLY A 405 13.25 -20.09 -13.64
CA GLY A 405 13.37 -19.16 -14.76
C GLY A 405 14.34 -18.00 -14.57
N GLY A 406 15.00 -17.87 -13.42
CA GLY A 406 15.91 -16.77 -13.18
C GLY A 406 15.28 -15.38 -13.08
N LYS A 407 13.98 -15.29 -12.79
CA LYS A 407 13.34 -13.99 -12.76
C LYS A 407 12.61 -13.68 -11.47
N LEU A 408 12.62 -14.58 -10.49
CA LEU A 408 11.84 -14.36 -9.27
C LEU A 408 12.41 -13.16 -8.50
N GLU A 409 11.52 -12.27 -8.05
CA GLU A 409 11.95 -11.06 -7.33
C GLU A 409 11.53 -11.06 -5.88
N ASN A 410 10.25 -11.33 -5.61
CA ASN A 410 9.69 -11.11 -4.28
C ASN A 410 9.08 -12.41 -3.82
N LEU A 411 9.61 -12.96 -2.74
CA LEU A 411 9.18 -14.24 -2.20
C LEU A 411 8.84 -13.98 -0.74
N THR A 412 7.56 -14.02 -0.40
CA THR A 412 7.17 -13.68 0.97
C THR A 412 6.36 -14.83 1.54
N LEU A 413 6.77 -15.32 2.71
CA LEU A 413 6.31 -16.57 3.29
C LEU A 413 5.98 -16.41 4.78
N ASP A 414 5.90 -15.19 5.27
CA ASP A 414 5.85 -14.98 6.72
C ASP A 414 4.73 -15.79 7.40
N ASP A 415 5.06 -16.34 8.58
CA ASP A 415 4.11 -16.97 9.49
C ASP A 415 3.40 -18.17 8.86
N ASN A 416 4.10 -18.92 8.03
CA ASN A 416 3.78 -20.29 7.66
C ASN A 416 4.59 -21.25 8.52
N HIS A 417 4.55 -22.52 8.16
CA HIS A 417 5.34 -23.54 8.86
C HIS A 417 6.32 -24.22 7.92
N PHE A 418 6.89 -23.48 6.96
CA PHE A 418 7.89 -24.07 6.08
C PHE A 418 9.12 -24.50 6.88
N GLU A 419 9.84 -25.47 6.33
CA GLU A 419 11.02 -26.01 6.99
C GLU A 419 11.98 -26.50 5.91
N GLY A 420 13.08 -27.09 6.33
CA GLY A 420 13.99 -27.71 5.40
C GLY A 420 15.00 -26.71 4.89
N PRO A 421 15.90 -27.19 4.03
CA PRO A 421 16.96 -26.33 3.52
C PRO A 421 16.44 -25.50 2.37
N VAL A 422 17.13 -24.40 2.14
CA VAL A 422 16.77 -23.52 1.02
C VAL A 422 17.14 -24.21 -0.27
N PRO A 423 16.25 -24.29 -1.26
CA PRO A 423 16.60 -24.94 -2.53
C PRO A 423 17.78 -24.23 -3.19
N LYS A 424 18.64 -25.01 -3.84
CA LYS A 424 19.81 -24.43 -4.48
C LYS A 424 19.41 -23.47 -5.59
N SER A 425 18.24 -23.68 -6.20
CA SER A 425 17.79 -22.71 -7.19
C SER A 425 17.47 -21.35 -6.57
N LEU A 426 17.17 -21.30 -5.26
CA LEU A 426 16.99 -19.99 -4.64
C LEU A 426 18.34 -19.41 -4.20
N ARG A 427 19.24 -20.28 -3.74
CA ARG A 427 20.62 -19.87 -3.54
C ARG A 427 21.16 -19.12 -4.74
N ASP A 428 20.82 -19.60 -5.95
CA ASP A 428 21.39 -19.10 -7.19
C ASP A 428 20.48 -18.09 -7.89
N CYS A 429 19.42 -17.62 -7.23
CA CYS A 429 18.39 -16.76 -7.81
C CYS A 429 18.86 -15.30 -7.75
N LYS A 430 19.62 -14.88 -8.76
CA LYS A 430 20.26 -13.56 -8.68
C LYS A 430 19.29 -12.39 -8.85
N SER A 431 18.04 -12.65 -9.22
CA SER A 431 17.04 -11.61 -9.43
C SER A 431 16.30 -11.18 -8.15
N LEU A 432 16.57 -11.80 -7.01
CA LEU A 432 15.75 -11.54 -5.83
C LEU A 432 15.88 -10.09 -5.36
N ILE A 433 14.74 -9.54 -4.93
CA ILE A 433 14.66 -8.20 -4.38
C ILE A 433 14.15 -8.21 -2.95
N ARG A 434 13.09 -9.00 -2.66
CA ARG A 434 12.48 -8.98 -1.33
C ARG A 434 12.24 -10.43 -0.90
N VAL A 435 12.83 -10.82 0.22
CA VAL A 435 12.76 -12.19 0.74
C VAL A 435 12.28 -12.12 2.18
N ARG A 436 11.10 -12.67 2.45
CA ARG A 436 10.52 -12.60 3.79
C ARG A 436 10.15 -14.01 4.23
N PHE A 437 10.91 -14.54 5.19
CA PHE A 437 10.80 -15.90 5.70
C PHE A 437 10.40 -15.93 7.18
N LYS A 438 10.05 -14.77 7.74
CA LYS A 438 9.93 -14.67 9.20
C LYS A 438 8.92 -15.69 9.74
N GLY A 439 9.29 -16.38 10.83
CA GLY A 439 8.38 -17.26 11.50
C GLY A 439 8.34 -18.67 10.96
N ASN A 440 9.09 -18.98 9.93
CA ASN A 440 9.14 -20.37 9.47
C ASN A 440 10.25 -21.08 10.22
N SER A 441 10.57 -22.31 9.80
CA SER A 441 11.65 -23.08 10.43
C SER A 441 12.63 -23.57 9.39
N PHE A 442 13.04 -22.73 8.45
CA PHE A 442 14.07 -23.15 7.52
C PHE A 442 15.37 -23.43 8.27
N SER A 443 16.19 -24.34 7.73
CA SER A 443 17.40 -24.74 8.41
C SER A 443 18.55 -24.82 7.42
N GLY A 444 19.72 -25.14 7.94
CA GLY A 444 20.94 -25.30 7.16
C GLY A 444 21.96 -24.23 7.50
N ASP A 445 23.15 -24.43 6.93
CA ASP A 445 24.22 -23.46 7.11
C ASP A 445 23.91 -22.22 6.29
N ILE A 446 23.88 -21.06 6.95
CA ILE A 446 23.42 -19.85 6.28
C ILE A 446 24.38 -19.47 5.15
N SER A 447 25.65 -19.80 5.28
CA SER A 447 26.61 -19.52 4.21
C SER A 447 26.45 -20.44 3.03
N GLU A 448 25.91 -21.63 3.23
CA GLU A 448 25.60 -22.46 2.07
C GLU A 448 24.22 -22.17 1.51
N ALA A 449 23.28 -21.70 2.36
CA ALA A 449 21.90 -21.57 1.92
C ALA A 449 21.74 -20.50 0.86
N PHE A 450 22.44 -19.38 1.03
CA PHE A 450 22.18 -18.18 0.22
C PHE A 450 23.41 -17.83 -0.60
N GLY A 451 23.17 -17.37 -1.83
CA GLY A 451 24.24 -16.98 -2.75
C GLY A 451 24.45 -15.48 -2.75
N VAL A 452 24.62 -14.91 -3.94
CA VAL A 452 24.89 -13.49 -4.10
C VAL A 452 23.66 -12.85 -4.75
N TYR A 453 23.21 -11.72 -4.19
CA TYR A 453 21.96 -11.09 -4.60
C TYR A 453 22.18 -9.60 -4.85
N PRO A 454 22.61 -9.24 -6.06
CA PRO A 454 22.97 -7.84 -6.32
C PRO A 454 21.82 -6.85 -6.18
N THR A 455 20.57 -7.26 -6.43
CA THR A 455 19.45 -6.33 -6.35
C THR A 455 18.62 -6.53 -5.08
N LEU A 456 19.13 -7.28 -4.10
CA LEU A 456 18.36 -7.49 -2.89
C LEU A 456 18.14 -6.15 -2.17
N ASN A 457 16.88 -5.90 -1.80
CA ASN A 457 16.47 -4.71 -1.06
C ASN A 457 16.16 -5.03 0.38
N PHE A 458 15.54 -6.17 0.62
CA PHE A 458 15.02 -6.46 1.96
C PHE A 458 15.06 -7.95 2.20
N ILE A 459 15.62 -8.40 3.32
CA ILE A 459 15.58 -9.83 3.67
C ILE A 459 15.34 -9.97 5.15
N ASP A 460 14.38 -10.82 5.51
CA ASP A 460 14.00 -11.08 6.91
C ASP A 460 13.96 -12.59 7.08
N LEU A 461 14.87 -13.11 7.91
CA LEU A 461 14.93 -14.53 8.24
C LEU A 461 14.64 -14.78 9.71
N SER A 462 13.98 -13.81 10.37
CA SER A 462 13.72 -13.89 11.82
C SER A 462 13.06 -15.21 12.21
N ASN A 463 13.58 -15.79 13.29
CA ASN A 463 12.94 -16.89 14.01
C ASN A 463 12.99 -18.18 13.22
N ASN A 464 13.88 -18.27 12.26
CA ASN A 464 14.12 -19.53 11.54
C ASN A 464 15.19 -20.29 12.32
N ASN A 465 15.70 -21.36 11.71
CA ASN A 465 16.66 -22.22 12.38
C ASN A 465 17.98 -22.34 11.61
N PHE A 466 18.42 -21.28 10.95
CA PHE A 466 19.71 -21.33 10.28
C PHE A 466 20.84 -21.35 11.30
N HIS A 467 21.94 -22.06 10.94
CA HIS A 467 23.18 -22.07 11.74
C HIS A 467 24.32 -21.60 10.86
N GLY A 468 25.53 -21.67 11.39
CA GLY A 468 26.72 -21.27 10.66
C GLY A 468 27.08 -19.81 10.86
N GLN A 469 28.09 -19.38 10.09
CA GLN A 469 28.68 -18.06 10.17
C GLN A 469 28.23 -17.26 8.97
N LEU A 470 28.00 -15.98 9.19
CA LEU A 470 27.67 -15.08 8.08
C LEU A 470 28.79 -15.02 7.06
N SER A 471 28.42 -15.05 5.78
CA SER A 471 29.35 -14.94 4.68
C SER A 471 29.60 -13.48 4.32
N ALA A 472 30.82 -13.16 3.87
CA ALA A 472 31.05 -11.85 3.27
C ALA A 472 30.27 -11.65 1.96
N ASN A 473 29.61 -12.68 1.43
CA ASN A 473 28.85 -12.55 0.20
C ASN A 473 27.73 -11.54 0.31
N TRP A 474 27.20 -11.31 1.52
CA TRP A 474 26.12 -10.34 1.68
C TRP A 474 26.53 -8.94 1.21
N GLU A 475 27.82 -8.63 1.29
CA GLU A 475 28.30 -7.32 0.86
C GLU A 475 27.97 -7.03 -0.59
N GLN A 476 27.81 -8.08 -1.42
CA GLN A 476 27.45 -7.88 -2.81
C GLN A 476 26.03 -7.36 -2.99
N SER A 477 25.22 -7.37 -1.94
CA SER A 477 23.91 -6.71 -1.99
C SER A 477 24.10 -5.23 -1.63
N GLN A 478 24.68 -4.50 -2.57
CA GLN A 478 25.08 -3.13 -2.28
C GLN A 478 23.90 -2.18 -2.09
N LYS A 479 22.68 -2.58 -2.48
CA LYS A 479 21.49 -1.76 -2.32
C LYS A 479 20.59 -2.27 -1.20
N LEU A 480 21.05 -3.25 -0.43
CA LEU A 480 20.25 -3.80 0.66
C LEU A 480 20.00 -2.73 1.72
N VAL A 481 18.73 -2.56 2.08
CA VAL A 481 18.38 -1.58 3.11
C VAL A 481 17.97 -2.22 4.43
N ALA A 482 17.51 -3.48 4.43
CA ALA A 482 17.18 -4.19 5.66
C ALA A 482 17.75 -5.60 5.63
N PHE A 483 18.46 -5.96 6.69
CA PHE A 483 19.12 -7.27 6.84
C PHE A 483 18.71 -7.74 8.21
N ILE A 484 17.73 -8.63 8.26
CA ILE A 484 17.08 -9.01 9.52
C ILE A 484 17.25 -10.52 9.68
N LEU A 485 18.03 -10.91 10.69
CA LEU A 485 18.41 -12.30 10.90
C LEU A 485 18.21 -12.71 12.36
N SER A 486 17.21 -12.12 13.01
CA SER A 486 17.04 -12.31 14.44
C SER A 486 16.70 -13.75 14.81
N ASN A 487 17.30 -14.24 15.89
CA ASN A 487 16.85 -15.44 16.61
C ASN A 487 16.93 -16.72 15.77
N ASN A 488 17.99 -16.84 15.00
CA ASN A 488 18.51 -18.05 14.38
C ASN A 488 19.55 -18.67 15.32
N SER A 489 20.37 -19.57 14.80
CA SER A 489 21.50 -20.11 15.57
C SER A 489 22.84 -19.72 14.92
N ILE A 490 22.95 -18.46 14.47
CA ILE A 490 24.16 -18.00 13.80
C ILE A 490 25.30 -17.90 14.81
N THR A 491 26.49 -18.29 14.39
CA THR A 491 27.68 -18.27 15.25
C THR A 491 28.80 -17.55 14.51
N GLY A 492 29.96 -17.45 15.15
CA GLY A 492 31.11 -16.88 14.49
C GLY A 492 31.04 -15.37 14.47
N ALA A 493 31.92 -14.78 13.68
CA ALA A 493 32.15 -13.34 13.64
C ALA A 493 31.27 -12.66 12.59
N ILE A 494 31.06 -11.35 12.80
CA ILE A 494 30.44 -10.50 11.78
C ILE A 494 31.50 -10.17 10.75
N PRO A 495 31.36 -10.56 9.48
CA PRO A 495 32.36 -10.20 8.49
C PRO A 495 32.57 -8.70 8.45
N PRO A 496 33.81 -8.25 8.37
CA PRO A 496 34.05 -6.80 8.33
C PRO A 496 33.42 -6.15 7.10
N GLU A 497 33.14 -6.92 6.05
CA GLU A 497 32.46 -6.43 4.86
C GLU A 497 31.02 -5.99 5.13
N ILE A 498 30.38 -6.50 6.18
CA ILE A 498 29.02 -6.04 6.50
C ILE A 498 29.00 -4.52 6.71
N TRP A 499 30.06 -3.97 7.31
CA TRP A 499 30.02 -2.54 7.61
C TRP A 499 30.24 -1.70 6.36
N ASN A 500 30.52 -2.33 5.22
CA ASN A 500 30.58 -1.60 3.96
C ASN A 500 29.27 -1.67 3.20
N MET A 501 28.22 -2.20 3.82
CA MET A 501 26.88 -2.19 3.24
C MET A 501 26.23 -0.85 3.59
N THR A 502 26.65 0.18 2.85
CA THR A 502 26.38 1.55 3.28
C THR A 502 24.95 2.01 3.03
N GLN A 503 24.14 1.24 2.30
CA GLN A 503 22.72 1.54 2.16
C GLN A 503 21.87 0.98 3.30
N LEU A 504 22.47 0.23 4.22
CA LEU A 504 21.68 -0.39 5.27
C LEU A 504 21.03 0.67 6.14
N SER A 505 19.74 0.47 6.38
CA SER A 505 18.96 1.26 7.31
C SER A 505 18.57 0.46 8.53
N GLN A 506 18.33 -0.83 8.35
CA GLN A 506 18.00 -1.74 9.46
C GLN A 506 18.94 -2.93 9.43
N LEU A 507 19.65 -3.13 10.53
CA LEU A 507 20.51 -4.31 10.68
C LEU A 507 20.14 -4.95 11.99
N ASP A 508 19.62 -6.18 11.93
CA ASP A 508 19.14 -6.91 13.10
C ASP A 508 19.75 -8.29 13.09
N LEU A 509 20.82 -8.47 13.88
CA LEU A 509 21.43 -9.78 14.07
C LEU A 509 21.14 -10.33 15.46
N SER A 510 20.10 -9.81 16.10
CA SER A 510 19.89 -10.07 17.52
C SER A 510 19.60 -11.55 17.78
N SER A 511 19.87 -11.96 19.04
CA SER A 511 19.47 -13.27 19.57
C SER A 511 20.07 -14.45 18.77
N ASN A 512 21.35 -14.34 18.46
CA ASN A 512 22.18 -15.38 17.81
C ASN A 512 23.28 -15.67 18.82
N ARG A 513 24.31 -16.40 18.39
CA ARG A 513 25.48 -16.62 19.23
C ARG A 513 26.75 -16.05 18.57
N ILE A 514 26.61 -14.85 18.01
CA ILE A 514 27.71 -14.20 17.29
C ILE A 514 28.77 -13.69 18.27
N THR A 515 30.03 -13.82 17.89
CA THR A 515 31.15 -13.47 18.76
C THR A 515 31.99 -12.39 18.11
N GLY A 516 33.04 -11.95 18.81
CA GLY A 516 34.00 -11.01 18.30
C GLY A 516 33.76 -9.60 18.82
N GLU A 517 34.60 -8.67 18.36
CA GLU A 517 34.50 -7.28 18.78
C GLU A 517 33.96 -6.46 17.62
N LEU A 518 33.20 -5.44 17.92
CA LEU A 518 32.75 -4.51 16.88
C LEU A 518 33.87 -3.55 16.52
N PRO A 519 34.20 -3.38 15.24
CA PRO A 519 35.32 -2.55 14.84
C PRO A 519 34.91 -1.08 14.71
N GLU A 520 35.92 -0.19 14.72
CA GLU A 520 35.63 1.25 14.59
C GLU A 520 34.98 1.56 13.25
N SER A 521 35.22 0.72 12.24
CA SER A 521 34.63 0.94 10.93
C SER A 521 33.14 0.68 10.91
N ILE A 522 32.54 0.33 12.06
CA ILE A 522 31.09 0.33 12.17
C ILE A 522 30.51 1.70 11.79
N SER A 523 31.33 2.76 11.89
CA SER A 523 30.83 4.08 11.50
C SER A 523 30.49 4.15 10.01
N ASN A 524 30.98 3.21 9.19
CA ASN A 524 30.72 3.26 7.76
C ASN A 524 29.25 3.07 7.40
N ILE A 525 28.50 2.33 8.23
CA ILE A 525 27.05 2.19 7.95
C ILE A 525 26.45 3.52 8.41
N ASN A 526 26.47 4.55 7.54
CA ASN A 526 26.09 5.84 8.12
C ASN A 526 24.62 6.14 7.90
N ARG A 527 23.92 5.34 7.09
CA ARG A 527 22.48 5.51 6.99
C ARG A 527 21.70 4.67 8.00
N ILE A 528 22.38 3.94 8.88
CA ILE A 528 21.68 3.02 9.77
C ILE A 528 20.76 3.81 10.69
N SER A 529 19.52 3.34 10.80
CA SER A 529 18.55 3.93 11.70
C SER A 529 18.15 2.98 12.81
N LYS A 530 18.20 1.67 12.57
CA LYS A 530 17.83 0.71 13.60
C LYS A 530 18.92 -0.35 13.64
N LEU A 531 19.65 -0.41 14.74
CA LEU A 531 20.82 -1.28 14.88
C LEU A 531 20.56 -2.19 16.08
N GLN A 532 20.34 -3.49 15.82
CA GLN A 532 19.99 -4.45 16.87
C GLN A 532 21.00 -5.57 16.82
N LEU A 533 21.91 -5.55 17.76
CA LEU A 533 22.93 -6.60 17.89
C LEU A 533 22.77 -7.31 19.23
N ASN A 534 21.66 -7.09 19.90
CA ASN A 534 21.45 -7.57 21.25
C ASN A 534 21.33 -9.10 21.28
N GLY A 535 21.67 -9.67 22.45
CA GLY A 535 21.48 -11.11 22.65
C GLY A 535 22.47 -11.97 21.89
N ASN A 536 23.73 -11.55 21.85
CA ASN A 536 24.83 -12.26 21.20
C ASN A 536 25.95 -12.40 22.23
N ARG A 537 27.13 -12.79 21.77
CA ARG A 537 28.30 -12.88 22.64
C ARG A 537 29.38 -11.88 22.25
N LEU A 538 29.00 -10.68 21.80
CA LEU A 538 30.01 -9.70 21.39
C LEU A 538 30.80 -9.22 22.60
N SER A 539 32.09 -9.07 22.42
CA SER A 539 32.99 -8.69 23.51
C SER A 539 33.82 -7.47 23.13
N GLY A 540 34.81 -7.08 23.94
CA GLY A 540 35.57 -5.87 23.63
C GLY A 540 34.76 -4.64 24.01
N LYS A 541 35.31 -3.46 23.69
CA LYS A 541 34.61 -2.24 24.08
C LYS A 541 33.63 -1.82 23.01
N ILE A 542 32.58 -1.10 23.43
CA ILE A 542 31.68 -0.49 22.43
C ILE A 542 32.48 0.51 21.62
N PRO A 543 32.51 0.42 20.28
CA PRO A 543 33.40 1.29 19.49
C PRO A 543 32.93 2.74 19.51
N SER A 544 33.91 3.63 19.54
CA SER A 544 33.61 5.06 19.52
C SER A 544 32.95 5.46 18.21
N GLY A 545 33.17 4.67 17.14
CA GLY A 545 32.60 4.98 15.83
C GLY A 545 31.09 5.05 15.78
N ILE A 546 30.39 4.45 16.74
CA ILE A 546 28.93 4.61 16.80
C ILE A 546 28.55 6.06 16.90
N ARG A 547 29.45 6.91 17.43
CA ARG A 547 29.13 8.33 17.55
C ARG A 547 28.83 8.98 16.21
N LEU A 548 29.31 8.40 15.11
CA LEU A 548 29.12 8.97 13.78
C LEU A 548 27.85 8.47 13.10
N LEU A 549 27.08 7.61 13.76
CA LEU A 549 25.87 7.04 13.14
C LEU A 549 24.68 7.95 13.44
N THR A 550 24.72 9.13 12.83
CA THR A 550 23.82 10.21 13.23
C THR A 550 22.38 10.01 12.73
N ASN A 551 22.12 9.00 11.91
CA ASN A 551 20.75 8.67 11.59
C ASN A 551 20.15 7.66 12.56
N LEU A 552 20.88 7.24 13.60
CA LEU A 552 20.35 6.20 14.49
C LEU A 552 19.13 6.69 15.22
N GLU A 553 18.08 5.86 15.23
CA GLU A 553 16.90 6.07 16.04
C GLU A 553 16.80 5.09 17.19
N TYR A 554 17.29 3.87 16.99
CA TYR A 554 17.08 2.75 17.90
C TYR A 554 18.35 1.93 17.94
N LEU A 555 18.96 1.83 19.11
CA LEU A 555 20.24 1.16 19.27
C LEU A 555 20.09 0.17 20.38
N ASP A 556 20.30 -1.13 20.08
CA ASP A 556 20.21 -2.17 21.09
C ASP A 556 21.48 -3.01 21.01
N LEU A 557 22.35 -2.85 22.02
CA LEU A 557 23.55 -3.63 22.20
C LEU A 557 23.48 -4.50 23.44
N SER A 558 22.28 -4.66 23.98
CA SER A 558 22.14 -5.28 25.29
C SER A 558 22.40 -6.79 25.19
N SER A 559 22.58 -7.41 26.36
CA SER A 559 22.71 -8.87 26.44
C SER A 559 23.83 -9.36 25.54
N ASN A 560 25.02 -8.82 25.79
CA ASN A 560 26.27 -9.15 25.11
C ASN A 560 27.31 -9.26 26.20
N ARG A 561 28.57 -9.31 25.82
CA ARG A 561 29.66 -9.27 26.78
C ARG A 561 30.53 -8.02 26.57
N PHE A 562 29.90 -6.87 26.30
CA PHE A 562 30.69 -5.65 26.15
C PHE A 562 31.33 -5.24 27.47
N SER A 563 32.58 -4.80 27.39
CA SER A 563 33.39 -4.46 28.55
C SER A 563 33.85 -3.01 28.45
N PHE A 564 34.45 -2.51 29.54
CA PHE A 564 35.06 -1.18 29.58
C PHE A 564 33.98 -0.09 29.51
N GLU A 565 34.34 1.13 29.16
CA GLU A 565 33.44 2.26 29.45
C GLU A 565 32.51 2.58 28.28
N ILE A 566 31.37 3.17 28.61
CA ILE A 566 30.49 3.71 27.56
C ILE A 566 31.23 4.84 26.87
N PRO A 567 31.32 4.88 25.53
CA PRO A 567 32.12 5.93 24.88
C PRO A 567 31.59 7.30 25.27
N PRO A 568 32.46 8.21 25.71
CA PRO A 568 32.02 9.55 26.15
C PRO A 568 31.63 10.46 24.99
N THR A 569 31.84 10.04 23.75
CA THR A 569 31.50 10.80 22.55
C THR A 569 30.11 10.52 22.01
N LEU A 570 29.33 9.66 22.66
CA LEU A 570 27.95 9.41 22.25
C LEU A 570 27.08 10.54 22.76
N ASN A 571 27.16 11.67 22.08
CA ASN A 571 26.45 12.88 22.47
C ASN A 571 25.81 13.60 21.30
N ASN A 572 25.87 13.05 20.09
CA ASN A 572 25.43 13.72 18.88
C ASN A 572 24.59 12.78 18.01
N LEU A 573 23.63 12.10 18.60
CA LEU A 573 22.71 11.23 17.84
C LEU A 573 21.31 11.82 17.94
N PRO A 574 21.01 12.83 17.13
CA PRO A 574 19.85 13.70 17.40
C PRO A 574 18.53 13.04 17.08
N ARG A 575 18.53 11.85 16.49
CA ARG A 575 17.30 11.10 16.23
C ARG A 575 17.11 9.93 17.19
N LEU A 576 18.04 9.71 18.10
CA LEU A 576 18.05 8.47 18.89
C LEU A 576 16.99 8.54 19.98
N TYR A 577 16.00 7.65 19.93
CA TYR A 577 14.98 7.66 20.98
C TYR A 577 15.10 6.47 21.90
N TYR A 578 15.87 5.46 21.54
CA TYR A 578 15.95 4.19 22.28
C TYR A 578 17.40 3.77 22.37
N MET A 579 17.91 3.58 23.58
CA MET A 579 19.28 3.11 23.77
C MET A 579 19.26 2.07 24.87
N ASN A 580 19.62 0.84 24.53
CA ASN A 580 19.63 -0.24 25.50
C ASN A 580 21.02 -0.84 25.49
N LEU A 581 21.76 -0.61 26.57
CA LEU A 581 23.07 -1.23 26.76
C LEU A 581 23.07 -2.23 27.91
N SER A 582 21.90 -2.68 28.30
CA SER A 582 21.79 -3.45 29.53
C SER A 582 22.47 -4.81 29.38
N ARG A 583 22.78 -5.43 30.52
CA ARG A 583 23.23 -6.83 30.53
C ARG A 583 24.53 -7.00 29.72
N ASN A 584 25.53 -6.23 30.13
CA ASN A 584 26.88 -6.28 29.61
C ASN A 584 27.80 -6.21 30.83
N ASP A 585 29.08 -5.97 30.60
CA ASP A 585 29.99 -5.75 31.73
C ASP A 585 30.58 -4.35 31.69
N LEU A 586 29.76 -3.35 31.35
CA LEU A 586 30.25 -1.98 31.18
C LEU A 586 30.62 -1.39 32.53
N ASP A 587 31.68 -0.58 32.56
CA ASP A 587 32.17 -0.12 33.85
C ASP A 587 32.55 1.37 33.76
N GLN A 588 33.10 1.89 34.87
CA GLN A 588 33.35 3.32 35.09
C GLN A 588 32.05 4.12 35.07
N THR A 589 32.14 5.46 34.95
CA THR A 589 30.98 6.30 35.19
C THR A 589 30.12 6.43 33.93
N ILE A 590 28.85 6.75 34.14
CA ILE A 590 27.93 7.06 33.04
C ILE A 590 28.33 8.40 32.45
N PRO A 591 28.71 8.48 31.17
CA PRO A 591 29.24 9.74 30.64
C PRO A 591 28.15 10.78 30.43
N GLU A 592 28.53 12.05 30.70
CA GLU A 592 27.58 13.14 30.56
C GLU A 592 27.13 13.34 29.14
N GLY A 593 27.87 12.84 28.15
CA GLY A 593 27.44 13.01 26.78
C GLY A 593 26.08 12.42 26.48
N LEU A 594 25.70 11.34 27.18
CA LEU A 594 24.39 10.73 26.98
C LEU A 594 23.27 11.70 27.26
N THR A 595 23.48 12.68 28.17
CA THR A 595 22.44 13.65 28.50
C THR A 595 22.15 14.62 27.37
N LYS A 596 23.00 14.65 26.33
CA LYS A 596 22.80 15.48 25.13
C LYS A 596 21.98 14.78 24.04
N LEU A 597 21.62 13.51 24.24
CA LEU A 597 20.83 12.74 23.28
C LEU A 597 19.36 13.12 23.48
N SER A 598 19.02 14.33 23.00
CA SER A 598 17.78 15.02 23.41
C SER A 598 16.52 14.24 23.09
N GLN A 599 16.54 13.39 22.07
CA GLN A 599 15.33 12.65 21.73
C GLN A 599 15.16 11.33 22.49
N LEU A 600 16.06 11.00 23.42
CA LEU A 600 15.94 9.71 24.12
C LEU A 600 14.61 9.64 24.87
N GLN A 601 13.88 8.56 24.61
CA GLN A 601 12.67 8.22 25.33
C GLN A 601 12.87 7.06 26.30
N MET A 602 13.75 6.12 25.96
CA MET A 602 14.09 5.01 26.83
C MET A 602 15.60 4.85 26.88
N LEU A 603 16.15 4.77 28.09
CA LEU A 603 17.57 4.56 28.29
C LEU A 603 17.70 3.46 29.31
N ASP A 604 18.30 2.33 28.91
CA ASP A 604 18.41 1.17 29.78
C ASP A 604 19.89 0.82 29.85
N LEU A 605 20.49 1.05 31.01
CA LEU A 605 21.88 0.71 31.26
C LEU A 605 22.01 -0.33 32.37
N SER A 606 20.93 -1.01 32.70
CA SER A 606 20.87 -1.91 33.84
C SER A 606 21.76 -3.14 33.64
N TYR A 607 22.10 -3.78 34.76
CA TYR A 607 22.89 -5.02 34.74
C TYR A 607 24.25 -4.81 34.08
N ASN A 608 25.02 -3.91 34.66
CA ASN A 608 26.38 -3.64 34.24
C ASN A 608 27.19 -3.44 35.51
N GLN A 609 28.40 -2.91 35.39
CA GLN A 609 29.26 -2.60 36.53
C GLN A 609 29.52 -1.08 36.67
N LEU A 610 28.58 -0.26 36.23
CA LEU A 610 28.81 1.18 36.17
C LEU A 610 28.88 1.74 37.58
N ASP A 611 29.76 2.69 37.79
CA ASP A 611 29.88 3.21 39.15
C ASP A 611 29.95 4.73 39.17
N GLY A 612 30.21 5.28 40.33
CA GLY A 612 30.22 6.74 40.46
C GLY A 612 28.80 7.25 40.55
N GLU A 613 28.67 8.55 40.31
CA GLU A 613 27.42 9.23 40.60
C GLU A 613 26.58 9.40 39.35
N ILE A 614 25.27 9.52 39.56
CA ILE A 614 24.34 9.82 38.48
C ILE A 614 24.41 11.31 38.22
N SER A 615 24.83 11.70 37.01
CA SER A 615 25.00 13.11 36.71
C SER A 615 23.71 13.91 36.90
N SER A 616 23.82 15.10 37.50
CA SER A 616 22.61 15.90 37.58
C SER A 616 22.21 16.46 36.22
N GLN A 617 23.10 16.41 35.22
CA GLN A 617 22.78 16.79 33.84
C GLN A 617 21.73 15.86 33.19
N PHE A 618 21.32 14.77 33.83
CA PHE A 618 20.19 14.00 33.32
C PHE A 618 18.93 14.85 33.14
N ARG A 619 18.82 15.98 33.86
CA ARG A 619 17.68 16.88 33.69
C ARG A 619 17.47 17.28 32.24
N SER A 620 18.56 17.30 31.46
CA SER A 620 18.48 17.73 30.06
C SER A 620 17.70 16.77 29.17
N LEU A 621 17.48 15.53 29.61
CA LEU A 621 16.79 14.53 28.78
C LEU A 621 15.29 14.73 28.97
N GLN A 622 14.77 15.74 28.30
CA GLN A 622 13.41 16.20 28.56
C GLN A 622 12.35 15.36 27.87
N ASN A 623 12.74 14.47 26.96
CA ASN A 623 11.82 13.51 26.38
C ASN A 623 11.93 12.14 27.04
N LEU A 624 12.81 11.98 28.04
CA LEU A 624 13.04 10.65 28.62
C LEU A 624 11.82 10.15 29.38
N GLU A 625 11.28 9.00 28.95
CA GLU A 625 10.14 8.42 29.65
C GLU A 625 10.52 7.27 30.56
N ARG A 626 11.49 6.44 30.15
CA ARG A 626 11.87 5.28 30.94
C ARG A 626 13.36 5.30 31.17
N LEU A 627 13.76 5.13 32.43
CA LEU A 627 15.17 5.12 32.78
C LEU A 627 15.41 3.91 33.66
N ASP A 628 16.31 3.02 33.24
CA ASP A 628 16.66 1.87 34.07
C ASP A 628 18.16 1.88 34.31
N LEU A 629 18.57 2.13 35.56
CA LEU A 629 19.97 2.05 35.95
C LEU A 629 20.21 0.95 36.97
N SER A 630 19.24 0.06 37.17
CA SER A 630 19.32 -0.93 38.24
C SER A 630 20.48 -1.90 38.02
N HIS A 631 20.92 -2.54 39.10
CA HIS A 631 21.93 -3.60 39.01
C HIS A 631 23.24 -3.05 38.46
N ASN A 632 23.74 -2.03 39.15
CA ASN A 632 25.01 -1.40 38.82
C ASN A 632 25.70 -1.13 40.13
N ASN A 633 26.74 -0.33 40.10
CA ASN A 633 27.49 0.01 41.31
C ASN A 633 27.46 1.52 41.55
N LEU A 634 26.34 2.17 41.23
CA LEU A 634 26.24 3.63 41.34
C LEU A 634 26.16 4.08 42.80
N SER A 635 26.80 5.22 43.12
CA SER A 635 26.85 5.69 44.50
C SER A 635 26.41 7.16 44.61
N GLY A 636 26.34 7.65 45.85
CA GLY A 636 25.92 9.01 46.10
C GLY A 636 24.40 9.14 46.08
N GLN A 637 23.91 10.35 45.86
CA GLN A 637 22.48 10.63 45.91
C GLN A 637 21.89 10.64 44.52
N ILE A 638 20.60 10.31 44.43
CA ILE A 638 19.89 10.51 43.17
C ILE A 638 19.75 12.02 42.99
N PRO A 639 20.25 12.62 41.91
CA PRO A 639 20.25 14.10 41.80
C PRO A 639 18.86 14.68 42.01
N PRO A 640 18.73 15.69 42.86
CA PRO A 640 17.46 16.44 42.92
C PRO A 640 17.02 17.02 41.58
N SER A 641 17.94 17.21 40.61
CA SER A 641 17.56 17.71 39.29
C SER A 641 16.56 16.82 38.56
N PHE A 642 16.39 15.55 38.95
CA PHE A 642 15.31 14.74 38.38
C PHE A 642 13.94 15.40 38.50
N LYS A 643 13.77 16.35 39.42
CA LYS A 643 12.50 17.05 39.50
C LYS A 643 12.18 17.76 38.18
N ASP A 644 13.21 18.09 37.39
CA ASP A 644 12.99 18.73 36.10
C ASP A 644 12.43 17.80 35.03
N MET A 645 12.47 16.47 35.24
CA MET A 645 12.18 15.52 34.16
C MET A 645 10.69 15.17 34.18
N LEU A 646 9.87 16.10 33.69
CA LEU A 646 8.43 15.93 33.81
C LEU A 646 7.92 14.77 32.95
N ALA A 647 8.59 14.46 31.84
CA ALA A 647 8.18 13.33 30.99
C ALA A 647 8.49 11.95 31.57
N LEU A 648 9.27 11.85 32.63
CA LEU A 648 9.66 10.54 33.13
C LEU A 648 8.45 9.84 33.73
N THR A 649 8.22 8.59 33.33
CA THR A 649 7.13 7.80 33.90
C THR A 649 7.60 6.52 34.56
N HIS A 650 8.73 5.94 34.16
CA HIS A 650 9.22 4.68 34.70
C HIS A 650 10.67 4.88 35.11
N VAL A 651 11.02 4.51 36.33
CA VAL A 651 12.40 4.66 36.77
C VAL A 651 12.75 3.47 37.66
N ASP A 652 13.97 2.98 37.56
CA ASP A 652 14.43 1.88 38.39
C ASP A 652 15.90 2.11 38.72
N VAL A 653 16.21 2.21 40.00
CA VAL A 653 17.59 2.43 40.44
C VAL A 653 17.96 1.36 41.47
N SER A 654 17.24 0.25 41.47
CA SER A 654 17.43 -0.77 42.49
C SER A 654 18.81 -1.41 42.36
N HIS A 655 19.31 -1.99 43.46
CA HIS A 655 20.56 -2.77 43.45
C HIS A 655 21.73 -1.94 42.92
N ASN A 656 21.93 -0.81 43.58
CA ASN A 656 23.03 0.12 43.42
C ASN A 656 23.52 0.40 44.83
N ASN A 657 24.40 1.37 44.99
CA ASN A 657 24.92 1.77 46.30
C ASN A 657 24.47 3.21 46.64
N LEU A 658 23.22 3.54 46.33
CA LEU A 658 22.73 4.90 46.42
C LEU A 658 22.20 5.19 47.82
N GLN A 659 22.14 6.48 48.17
CA GLN A 659 21.74 6.92 49.50
C GLN A 659 21.04 8.27 49.39
N GLY A 660 20.31 8.64 50.43
CA GLY A 660 19.69 9.94 50.46
C GLY A 660 18.24 9.91 50.01
N PRO A 661 17.60 11.07 49.95
CA PRO A 661 16.17 11.12 49.66
C PRO A 661 15.89 10.90 48.19
N ILE A 662 14.62 10.63 47.91
CA ILE A 662 14.14 10.36 46.56
C ILE A 662 13.68 11.66 45.95
N PRO A 663 14.10 12.01 44.74
CA PRO A 663 13.68 13.28 44.14
C PRO A 663 12.17 13.36 43.97
N ASP A 664 11.68 14.58 43.80
CA ASP A 664 10.25 14.78 43.63
C ASP A 664 9.93 14.84 42.13
N ASN A 665 9.54 13.69 41.57
CA ASN A 665 8.82 13.71 40.30
C ASN A 665 7.89 12.52 40.26
N ALA A 666 6.96 12.54 39.28
CA ALA A 666 5.88 11.56 39.24
C ALA A 666 6.41 10.13 39.14
N ALA A 667 7.46 9.89 38.33
CA ALA A 667 7.97 8.53 38.19
C ALA A 667 8.46 7.98 39.53
N PHE A 668 9.21 8.80 40.29
CA PHE A 668 9.68 8.34 41.60
C PHE A 668 8.54 8.18 42.58
N ARG A 669 7.52 9.06 42.51
CA ARG A 669 6.39 8.93 43.42
C ARG A 669 5.58 7.68 43.10
N ASN A 670 5.39 7.39 41.82
CA ASN A 670 4.62 6.23 41.42
C ASN A 670 5.40 4.93 41.43
N ALA A 671 6.70 4.96 41.75
CA ALA A 671 7.48 3.74 41.57
C ALA A 671 7.19 2.73 42.68
N PRO A 672 7.19 1.42 42.35
CA PRO A 672 7.01 0.37 43.38
C PRO A 672 8.26 0.21 44.24
N PRO A 673 8.14 -0.43 45.39
CA PRO A 673 9.32 -0.56 46.28
C PRO A 673 10.51 -1.24 45.62
N ASP A 674 10.30 -2.18 44.70
CA ASP A 674 11.46 -2.82 44.11
C ASP A 674 12.21 -1.93 43.14
N ALA A 675 11.67 -0.77 42.79
CA ALA A 675 12.48 0.18 42.02
C ALA A 675 13.59 0.79 42.86
N PHE A 676 13.54 0.61 44.19
CA PHE A 676 14.52 1.21 45.10
C PHE A 676 15.29 0.19 45.92
N GLU A 677 14.84 -1.06 45.98
CA GLU A 677 15.42 -2.04 46.89
C GLU A 677 16.91 -2.29 46.59
N GLY A 678 17.63 -2.80 47.58
CA GLY A 678 19.02 -3.18 47.37
C GLY A 678 20.01 -2.03 47.37
N ASN A 679 19.66 -0.89 47.90
CA ASN A 679 20.57 0.25 47.88
C ASN A 679 21.19 0.48 49.25
N LYS A 680 22.06 1.50 49.36
CA LYS A 680 22.83 1.59 50.59
C LYS A 680 22.05 2.27 51.72
N ASP A 681 21.68 3.54 51.53
CA ASP A 681 20.96 4.28 52.57
C ASP A 681 19.84 5.15 52.00
N LEU A 682 19.05 4.67 51.05
CA LEU A 682 17.98 5.53 50.55
C LEU A 682 16.94 5.73 51.65
N CYS A 683 16.27 6.88 51.61
CA CYS A 683 15.22 7.18 52.58
C CYS A 683 14.04 7.82 51.87
N GLY A 684 12.84 7.63 52.41
CA GLY A 684 11.64 8.12 51.77
C GLY A 684 10.89 9.13 52.63
N SER A 685 9.72 9.54 52.12
CA SER A 685 8.87 10.48 52.81
C SER A 685 7.61 9.77 53.27
N VAL A 686 7.05 10.25 54.40
CA VAL A 686 5.85 9.63 54.93
C VAL A 686 4.66 9.96 54.04
N ASN A 687 3.65 9.09 54.09
CA ASN A 687 2.45 9.13 53.26
C ASN A 687 2.75 8.80 51.79
N THR A 688 3.88 8.11 51.51
CA THR A 688 4.13 7.44 50.22
C THR A 688 4.97 6.19 50.51
N THR A 689 4.31 5.04 50.64
CA THR A 689 5.05 3.80 50.89
C THR A 689 5.81 3.36 49.66
N GLN A 690 7.14 3.25 49.76
CA GLN A 690 7.91 2.49 48.80
C GLN A 690 9.01 1.66 49.46
N GLY A 691 8.77 1.20 50.68
CA GLY A 691 9.70 0.29 51.35
C GLY A 691 10.96 0.92 51.87
N LEU A 692 10.97 2.23 52.10
CA LEU A 692 12.16 2.94 52.57
C LEU A 692 11.94 3.47 53.98
N LYS A 693 12.99 3.40 54.78
CA LYS A 693 13.00 4.08 56.07
C LYS A 693 12.82 5.58 55.82
N PRO A 694 11.91 6.25 56.54
CA PRO A 694 11.73 7.70 56.32
C PRO A 694 13.04 8.46 56.52
N CYS A 695 13.17 9.57 55.80
CA CYS A 695 14.29 10.47 56.04
C CYS A 695 14.11 11.17 57.38
N SER A 696 15.24 11.52 58.01
CA SER A 696 15.26 12.07 59.37
C SER A 696 14.32 13.25 59.55
N PRO B 1 -13.28 12.88 -23.09
CA PRO B 1 -12.08 12.29 -22.50
C PRO B 1 -12.43 11.10 -21.66
N VAL B 2 -12.08 9.90 -22.09
CA VAL B 2 -12.65 8.73 -21.42
C VAL B 2 -11.65 7.57 -21.46
N ARG B 3 -11.44 6.98 -20.29
CA ARG B 3 -10.54 5.87 -20.02
C ARG B 3 -11.36 4.76 -19.39
N SER B 4 -11.02 3.50 -19.67
CA SER B 4 -11.55 2.47 -18.79
C SER B 4 -10.86 2.55 -17.42
N SER B 5 -11.56 2.08 -16.39
CA SER B 5 -10.95 2.02 -15.08
C SER B 5 -9.85 0.95 -15.07
N GLN B 6 -8.98 1.03 -14.07
CA GLN B 6 -7.83 0.13 -13.93
C GLN B 6 -7.83 -0.50 -12.54
N SER B 7 -7.96 -1.81 -12.48
CA SER B 7 -7.80 -2.54 -11.21
C SER B 7 -6.33 -2.57 -10.80
N SER B 8 -6.06 -2.13 -9.57
CA SER B 8 -4.71 -2.16 -8.99
C SER B 8 -4.44 -3.52 -8.37
N GLN B 9 -3.20 -3.99 -8.50
CA GLN B 9 -2.78 -5.19 -7.79
C GLN B 9 -2.84 -4.97 -6.27
N ALA B 10 -3.09 -6.05 -5.53
CA ALA B 10 -3.15 -5.98 -4.07
C ALA B 10 -1.86 -5.44 -3.48
C1 NAG C . 8.97 -6.65 -5.84
C2 NAG C . 8.21 -5.99 -6.99
C3 NAG C . 8.82 -4.61 -7.27
C4 NAG C . 8.86 -3.73 -6.02
C5 NAG C . 9.43 -4.43 -4.79
C6 NAG C . 9.07 -3.72 -3.49
C7 NAG C . 7.22 -6.99 -9.01
C8 NAG C . 5.92 -6.48 -8.53
N2 NAG C . 8.28 -6.79 -8.21
O3 NAG C . 8.07 -3.97 -8.30
O4 NAG C . 9.78 -2.68 -6.31
O5 NAG C . 8.94 -5.78 -4.66
O6 NAG C . 10.25 -3.53 -2.73
O7 NAG C . 7.32 -7.66 -10.08
C1 NAG C . 9.23 -1.41 -5.99
C2 NAG C . 10.40 -0.42 -6.07
C3 NAG C . 9.90 1.02 -5.91
C4 NAG C . 8.73 1.32 -6.84
C5 NAG C . 7.65 0.25 -6.68
C6 NAG C . 6.52 0.40 -7.69
C7 NAG C . 12.56 -1.34 -5.33
C8 NAG C . 13.49 -1.50 -4.17
N2 NAG C . 11.41 -0.70 -5.06
O3 NAG C . 11.01 1.86 -6.25
O4 NAG C . 8.19 2.60 -6.53
O5 NAG C . 8.22 -1.04 -6.91
O6 NAG C . 7.02 0.65 -8.99
O7 NAG C . 12.82 -1.76 -6.44
C1 NAG D . -28.79 16.75 -5.89
C2 NAG D . -29.45 16.40 -4.56
C3 NAG D . -30.61 17.34 -4.31
C4 NAG D . -30.07 18.75 -4.20
C5 NAG D . -29.27 19.14 -5.46
C6 NAG D . -28.43 20.36 -5.17
C7 NAG D . -30.66 14.26 -5.08
C8 NAG D . -31.40 14.91 -6.21
N2 NAG D . -29.79 15.01 -4.38
O3 NAG D . -31.33 16.99 -3.12
O4 NAG D . -31.13 19.66 -3.93
O5 NAG D . -28.32 18.12 -5.85
O6 NAG D . -27.80 20.13 -3.92
O7 NAG D . -30.85 13.08 -4.80
C1 NAG D . -30.93 20.29 -2.64
C2 NAG D . -31.75 21.59 -2.57
C3 NAG D . -31.58 22.27 -1.20
C4 NAG D . -31.89 21.29 -0.08
C5 NAG D . -31.05 20.02 -0.25
C6 NAG D . -31.36 18.96 0.78
C7 NAG D . -30.27 23.16 -3.79
C8 NAG D . -30.14 24.04 -5.00
N2 NAG D . -31.43 22.50 -3.66
O3 NAG D . -32.43 23.41 -1.13
O4 NAG D . -31.62 21.88 1.18
O5 NAG D . -31.29 19.43 -1.54
O6 NAG D . -30.40 18.97 1.83
O7 NAG D . -29.35 23.05 -2.98
C1 FUC D . -26.99 21.24 -3.50
C2 FUC D . -26.33 20.80 -2.13
C3 FUC D . -24.99 20.06 -2.29
C4 FUC D . -24.09 20.78 -3.29
C5 FUC D . -24.82 20.84 -4.64
C6 FUC D . -24.02 21.52 -5.75
O2 FUC D . -27.27 20.04 -1.33
O3 FUC D . -24.29 20.02 -1.03
O4 FUC D . -23.88 22.09 -2.82
O5 FUC D . -26.03 21.60 -4.54
C1 NAG E . 16.76 -3.86 27.20
C2 NAG E . 15.26 -3.80 27.53
C3 NAG E . 14.91 -4.89 28.55
C4 NAG E . 15.40 -6.27 28.07
C5 NAG E . 16.89 -6.19 27.68
C6 NAG E . 17.39 -7.50 27.07
C7 NAG E . 13.88 -1.77 27.50
C8 NAG E . 13.58 -0.45 28.18
N2 NAG E . 14.86 -2.49 28.04
O3 NAG E . 13.49 -4.90 28.70
O4 NAG E . 15.39 -7.22 29.13
O5 NAG E . 17.09 -5.17 26.70
O6 NAG E . 18.78 -7.43 26.74
O7 NAG E . 13.26 -2.12 26.47
C1 NAG E . 14.18 -7.77 29.71
C2 NAG E . 14.55 -9.10 30.32
C3 NAG E . 13.29 -9.82 30.72
C4 NAG E . 12.67 -9.01 31.85
C5 NAG E . 12.48 -7.51 31.45
C6 NAG E . 12.25 -6.63 32.65
C7 NAG E . 15.23 -10.23 28.26
C8 NAG E . 16.31 -11.02 27.61
N2 NAG E . 15.45 -9.91 29.52
O3 NAG E . 13.54 -11.16 31.12
O4 NAG E . 11.43 -9.57 32.27
O5 NAG E . 13.61 -6.94 30.75
O6 NAG E . 13.48 -6.08 33.12
O7 NAG E . 14.20 -9.91 27.68
C1 NAG F . 6.56 -27.12 -15.44
C2 NAG F . 5.89 -28.48 -15.23
C3 NAG F . 6.13 -29.39 -16.45
C4 NAG F . 5.83 -28.67 -17.76
C5 NAG F . 6.53 -27.32 -17.79
C6 NAG F . 6.14 -26.50 -18.98
C7 NAG F . 5.72 -29.20 -12.87
C8 NAG F . 4.39 -28.56 -12.86
N2 NAG F . 6.40 -29.12 -14.03
O3 NAG F . 5.24 -30.50 -16.34
O4 NAG F . 6.36 -29.43 -18.85
O5 NAG F . 6.14 -26.57 -16.64
O6 NAG F . 6.79 -25.24 -18.91
O7 NAG F . 6.19 -29.76 -11.89
C1 NAG F . 5.35 -29.80 -19.80
C2 NAG F . 6.10 -30.22 -21.05
C3 NAG F . 5.13 -30.68 -22.12
C4 NAG F . 4.24 -31.80 -21.58
C5 NAG F . 3.59 -31.38 -20.26
C6 NAG F . 2.92 -32.54 -19.56
C7 NAG F . 8.26 -29.13 -21.37
C8 NAG F . 9.00 -27.94 -21.92
N2 NAG F . 6.94 -29.14 -21.55
O3 NAG F . 5.89 -31.17 -23.22
O4 NAG F . 3.23 -32.11 -22.53
O5 NAG F . 4.57 -30.88 -19.33
O6 NAG F . 1.50 -32.35 -19.53
O7 NAG F . 8.84 -30.03 -20.77
C1 NAG G . -22.04 -21.98 -20.83
C2 NAG G . -22.72 -22.72 -19.68
C3 NAG G . -23.26 -24.06 -20.15
C4 NAG G . -24.21 -23.82 -21.32
C5 NAG G . -23.45 -23.13 -22.44
C6 NAG G . -24.32 -22.80 -23.63
C7 NAG G . -22.10 -22.45 -17.34
C8 NAG G . -21.08 -22.73 -16.28
N2 NAG G . -21.82 -22.91 -18.56
O3 NAG G . -23.92 -24.74 -19.10
O4 NAG G . -24.81 -25.04 -21.74
O5 NAG G . -22.93 -21.89 -21.95
O6 NAG G . -23.65 -23.08 -24.85
O7 NAG G . -23.13 -21.82 -17.11
C1 NAG G . -26.20 -24.80 -21.44
C2 NAG G . -27.05 -25.04 -22.70
C3 NAG G . -27.03 -26.52 -23.10
C4 NAG G . -26.71 -27.42 -21.91
C5 NAG G . -27.31 -26.86 -20.62
C6 NAG G . -27.04 -27.74 -19.42
C7 NAG G . -28.74 -23.25 -22.48
C8 NAG G . -30.19 -22.94 -22.32
N2 NAG G . -28.41 -24.56 -22.53
O3 NAG G . -26.02 -26.69 -24.09
O4 NAG G . -27.25 -28.72 -22.16
O5 NAG G . -26.71 -25.59 -20.32
O6 NAG G . -25.78 -27.46 -18.82
O7 NAG G . -27.88 -22.37 -22.58
C1 NAG H . -2.55 -20.70 10.53
C2 NAG H . -2.88 -20.78 12.03
C3 NAG H . -3.12 -19.42 12.68
C4 NAG H . -2.18 -18.32 12.25
C5 NAG H . -2.08 -18.16 10.73
C6 NAG H . -0.69 -17.88 10.14
C7 NAG H . -4.02 -22.94 12.30
C8 NAG H . -5.35 -23.63 12.47
N2 NAG H . -4.07 -21.61 12.20
O3 NAG H . -2.91 -19.65 14.06
O4 NAG H . -2.90 -17.17 12.69
O5 NAG H . -2.65 -19.28 10.03
O6 NAG H . 0.11 -19.00 9.78
O7 NAG H . -2.97 -23.56 12.28
C1 NAG H . -2.29 -16.22 13.61
C2 NAG H . -3.41 -15.32 14.12
C3 NAG H . -2.84 -14.18 14.95
C4 NAG H . -2.03 -14.77 16.11
C5 NAG H . -1.01 -15.82 15.64
C6 NAG H . -0.40 -16.59 16.79
C7 NAG H . -4.12 -14.12 11.99
C8 NAG H . -2.71 -13.63 11.76
N2 NAG H . -4.34 -14.86 13.09
O3 NAG H . -3.88 -13.34 15.43
O4 NAG H . -1.36 -13.73 16.82
O5 NAG H . -1.60 -16.80 14.76
O6 NAG H . -1.40 -16.96 17.73
O7 NAG H . -5.03 -13.83 11.21
C1 NAG I . -12.19 18.45 -30.21
C2 NAG I . -12.39 17.00 -30.76
C3 NAG I . -11.36 16.05 -30.16
C4 NAG I . -9.96 16.58 -30.41
C5 NAG I . -9.85 17.94 -29.74
C6 NAG I . -8.49 18.57 -29.93
C7 NAG I . -14.73 16.57 -31.41
C8 NAG I . -16.07 16.03 -30.98
N2 NAG I . -13.74 16.52 -30.50
O3 NAG I . -11.52 14.76 -30.75
O4 NAG I . -8.95 15.69 -29.92
O5 NAG I . -10.80 18.85 -30.34
O6 NAG I . -8.12 18.49 -31.30
O7 NAG I . -14.55 17.07 -32.52
C1 NAG J . -29.77 23.15 -40.83
C2 NAG J . -29.90 22.22 -42.03
C3 NAG J . -31.00 22.69 -42.98
C4 NAG J . -32.29 22.92 -42.22
C5 NAG J . -32.05 23.85 -41.03
C6 NAG J . -33.28 24.04 -40.18
C7 NAG J . -27.81 21.05 -42.57
C8 NAG J . -26.55 21.06 -43.38
N2 NAG J . -28.63 22.09 -42.73
O3 NAG J . -31.19 21.66 -43.94
O4 NAG J . -33.27 23.50 -43.09
O5 NAG J . -31.03 23.28 -40.18
O6 NAG J . -33.70 22.78 -39.67
O7 NAG J . -28.07 20.14 -41.78
C1 NAG K . -19.37 -10.15 -30.63
C2 NAG K . -20.85 -10.63 -30.73
C3 NAG K . -21.73 -9.63 -31.51
C4 NAG K . -21.11 -9.20 -32.84
C5 NAG K . -19.66 -8.75 -32.68
C6 NAG K . -19.51 -7.41 -31.99
C7 NAG K . -21.51 -12.99 -30.66
C8 NAG K . -22.04 -12.71 -29.29
N2 NAG K . -20.95 -11.96 -31.30
O3 NAG K . -22.07 -8.51 -30.71
O4 NAG K . -21.20 -10.26 -33.79
O5 NAG K . -18.88 -9.71 -31.95
O6 NAG K . -18.26 -7.31 -31.34
O7 NAG K . -21.57 -14.11 -31.17
C1 NAG L . 13.33 -17.60 19.13
C2 NAG L . 11.80 -17.62 19.21
C3 NAG L . 11.34 -18.60 20.29
C4 NAG L . 11.93 -19.97 20.04
C5 NAG L . 13.46 -19.85 19.98
C6 NAG L . 14.14 -21.17 19.67
C7 NAG L . 10.33 -15.75 18.68
C8 NAG L . 9.89 -14.37 19.05
N2 NAG L . 11.27 -16.29 19.46
O3 NAG L . 9.92 -18.68 20.24
O4 NAG L . 11.55 -20.86 21.08
O5 NAG L . 13.82 -18.94 18.93
O6 NAG L . 14.64 -21.23 18.34
O7 NAG L . 9.87 -16.35 17.71
C1 NAG M . -19.80 2.62 -0.44
C2 NAG M . -18.70 3.67 -0.69
C3 NAG M . -17.50 3.39 0.23
C4 NAG M . -17.97 3.39 1.68
C5 NAG M . -19.07 2.33 1.84
C6 NAG M . -19.64 2.23 3.23
C7 NAG M . -18.55 4.70 -2.92
C8 NAG M . -17.97 4.55 -4.29
N2 NAG M . -18.27 3.69 -2.08
O3 NAG M . -16.43 4.29 0.02
O4 NAG M . -16.88 3.13 2.55
O5 NAG M . -20.17 2.64 0.97
O6 NAG M . -20.79 1.40 3.23
O7 NAG M . -19.24 5.68 -2.61
C1 NAG N . -36.64 -2.10 -23.49
C2 NAG N . -37.43 -1.44 -22.31
C3 NAG N . -38.34 -0.30 -22.79
C4 NAG N . -39.09 -0.67 -24.07
C5 NAG N . -38.93 -2.15 -24.37
C6 NAG N . -39.72 -2.65 -25.56
C7 NAG N . -37.93 -2.63 -20.22
C8 NAG N . -38.75 -3.71 -19.58
N2 NAG N . -38.15 -2.44 -21.52
O3 NAG N . -37.57 0.88 -22.96
O4 NAG N . -40.47 -0.33 -23.96
O5 NAG N . -37.56 -2.39 -24.62
O6 NAG N . -38.93 -2.85 -26.72
O7 NAG N . -37.13 -1.95 -19.58
C1 NAG O . -18.38 -21.94 2.76
C2 NAG O . -18.45 -23.23 3.57
C3 NAG O . -19.79 -23.91 3.37
C4 NAG O . -20.88 -22.98 3.84
C5 NAG O . -20.83 -21.67 3.04
C6 NAG O . -21.77 -20.63 3.60
C7 NAG O . -16.35 -24.34 4.15
C8 NAG O . -15.28 -25.31 3.73
N2 NAG O . -17.34 -24.14 3.28
O3 NAG O . -19.84 -25.15 4.08
O4 NAG O . -22.16 -23.60 3.71
O5 NAG O . -19.51 -21.08 3.10
O6 NAG O . -21.33 -20.21 4.88
O7 NAG O . -16.31 -23.76 5.24
#